data_2K13
#
_entry.id   2K13
#
_entity_poly.entity_id   1
_entity_poly.type   'polypeptide(L)'
_entity_poly.pdbx_seq_one_letter_code
;EEREDCWTFYANRKYTDFDKSFKKSSDLDECKKTCFKTEYCYIVFEDTVNKECYYNVVDGEELDQEKFVVDENFTENYLT
DCEGKDAGNAAGTGDESDEVDED
;
_entity_poly.pdbx_strand_id   X
#
# COMPACT_ATOMS: atom_id res chain seq x y z
N GLU A 1 -4.10 -4.19 -15.22
CA GLU A 1 -4.81 -5.45 -15.43
C GLU A 1 -5.57 -5.82 -14.17
N GLU A 2 -6.50 -6.76 -14.30
CA GLU A 2 -7.35 -7.20 -13.16
C GLU A 2 -6.65 -8.24 -12.27
N ARG A 3 -5.40 -8.49 -12.54
CA ARG A 3 -4.62 -9.35 -11.71
C ARG A 3 -3.64 -8.48 -11.02
N GLU A 4 -3.96 -8.11 -9.83
CA GLU A 4 -3.14 -7.19 -9.12
C GLU A 4 -2.20 -7.90 -8.22
N ASP A 5 -1.31 -7.14 -7.76
CA ASP A 5 -0.46 -7.47 -6.68
C ASP A 5 -1.33 -7.32 -5.43
N CYS A 6 -1.25 -8.24 -4.52
CA CYS A 6 -2.10 -8.21 -3.36
C CYS A 6 -1.45 -7.55 -2.16
N TRP A 7 -1.98 -6.43 -1.80
CA TRP A 7 -1.40 -5.66 -0.74
C TRP A 7 -2.12 -6.02 0.53
N THR A 8 -1.37 -6.29 1.54
CA THR A 8 -1.90 -6.75 2.76
C THR A 8 -1.89 -5.58 3.73
N PHE A 9 -3.02 -5.32 4.33
CA PHE A 9 -3.17 -4.18 5.17
C PHE A 9 -2.94 -4.57 6.60
N TYR A 10 -2.30 -3.72 7.34
CA TYR A 10 -2.09 -3.99 8.74
C TYR A 10 -2.73 -2.92 9.62
N ALA A 11 -2.46 -1.63 9.33
CA ALA A 11 -2.86 -0.56 10.23
C ALA A 11 -2.63 0.78 9.57
N ASN A 12 -3.20 1.83 10.14
CA ASN A 12 -2.90 3.17 9.67
C ASN A 12 -1.62 3.53 10.36
N ARG A 13 -0.62 3.85 9.61
CA ARG A 13 0.71 3.99 10.13
C ARG A 13 1.48 5.01 9.33
N LYS A 14 2.51 5.56 9.96
CA LYS A 14 3.67 6.24 9.35
C LYS A 14 4.77 6.37 10.39
N TYR A 15 5.98 6.20 9.97
CA TYR A 15 7.13 6.41 10.86
C TYR A 15 7.62 7.86 10.68
N THR A 16 6.68 8.65 10.21
CA THR A 16 6.81 10.04 9.85
C THR A 16 8.08 10.38 9.05
N ASP A 17 8.11 9.83 7.83
CA ASP A 17 9.19 10.05 6.87
C ASP A 17 8.79 9.39 5.57
N PHE A 18 9.09 10.04 4.47
CA PHE A 18 8.74 9.54 3.15
C PHE A 18 9.99 9.44 2.26
N ASP A 19 11.15 9.26 2.90
CA ASP A 19 12.46 9.21 2.20
C ASP A 19 12.58 8.03 1.24
N LYS A 20 11.79 6.97 1.47
CA LYS A 20 11.82 5.76 0.64
C LYS A 20 11.45 5.99 -0.83
N SER A 21 11.02 7.21 -1.16
CA SER A 21 10.73 7.63 -2.53
C SER A 21 9.48 6.98 -3.10
N PHE A 22 8.44 7.77 -3.12
CA PHE A 22 7.14 7.32 -3.54
C PHE A 22 6.64 8.26 -4.57
N LYS A 23 5.76 7.80 -5.39
CA LYS A 23 5.15 8.67 -6.35
C LYS A 23 3.66 8.61 -6.18
N LYS A 24 2.99 9.71 -6.39
CA LYS A 24 1.56 9.76 -6.19
C LYS A 24 0.80 10.13 -7.44
N SER A 25 0.00 9.24 -7.82
CA SER A 25 -0.98 9.38 -8.84
C SER A 25 -2.00 8.40 -8.38
N SER A 26 -3.26 8.74 -8.32
CA SER A 26 -4.12 7.76 -7.80
C SER A 26 -4.99 7.19 -8.89
N ASP A 27 -4.51 6.09 -9.38
CA ASP A 27 -5.18 5.16 -10.23
C ASP A 27 -4.86 3.84 -9.66
N LEU A 28 -5.86 3.07 -9.27
CA LEU A 28 -5.60 1.76 -8.66
C LEU A 28 -4.74 0.94 -9.62
N ASP A 29 -5.12 0.97 -10.88
CA ASP A 29 -4.39 0.28 -11.95
C ASP A 29 -2.97 0.78 -12.04
N GLU A 30 -2.80 2.11 -12.01
CA GLU A 30 -1.48 2.73 -12.14
C GLU A 30 -0.58 2.29 -11.02
N CYS A 31 -1.12 2.25 -9.85
CA CYS A 31 -0.37 1.86 -8.70
C CYS A 31 0.12 0.40 -8.81
N LYS A 32 -0.75 -0.51 -9.28
CA LYS A 32 -0.36 -1.93 -9.45
C LYS A 32 0.70 -2.02 -10.43
N LYS A 33 0.47 -1.32 -11.51
CA LYS A 33 1.34 -1.35 -12.60
C LYS A 33 2.72 -0.84 -12.18
N THR A 34 2.75 0.25 -11.40
CA THR A 34 3.97 0.77 -10.91
C THR A 34 4.65 -0.24 -10.01
N CYS A 35 3.85 -0.89 -9.16
CA CYS A 35 4.40 -1.88 -8.24
C CYS A 35 5.04 -2.99 -9.05
N PHE A 36 4.32 -3.50 -10.05
CA PHE A 36 4.82 -4.59 -10.85
C PHE A 36 6.06 -4.15 -11.56
N LYS A 37 6.07 -2.90 -11.97
CA LYS A 37 7.20 -2.36 -12.64
C LYS A 37 8.52 -2.41 -11.88
N THR A 38 8.65 -1.93 -10.58
CA THR A 38 10.05 -1.81 -10.16
C THR A 38 10.75 -3.20 -9.87
N GLU A 39 11.70 -3.26 -8.93
CA GLU A 39 12.13 -4.51 -8.35
C GLU A 39 11.20 -5.00 -7.34
N TYR A 40 11.07 -4.09 -6.45
CA TYR A 40 10.61 -4.26 -5.13
C TYR A 40 9.22 -4.68 -5.06
N CYS A 41 8.40 -4.18 -6.00
CA CYS A 41 6.88 -4.29 -5.91
C CYS A 41 6.37 -4.65 -4.49
N TYR A 42 6.21 -3.67 -3.57
CA TYR A 42 5.69 -4.06 -2.24
C TYR A 42 5.04 -3.02 -1.36
N ILE A 43 5.48 -1.76 -1.30
CA ILE A 43 4.87 -0.94 -0.27
C ILE A 43 4.02 0.13 -0.91
N VAL A 44 2.86 0.39 -0.38
CA VAL A 44 2.02 1.42 -0.89
C VAL A 44 1.44 2.21 0.29
N PHE A 45 1.48 3.51 0.17
CA PHE A 45 0.96 4.39 1.19
C PHE A 45 -0.20 5.15 0.62
N GLU A 46 -1.27 5.21 1.30
CA GLU A 46 -2.42 5.89 0.78
C GLU A 46 -2.78 7.01 1.68
N ASP A 47 -3.27 8.06 1.12
CA ASP A 47 -3.74 9.19 1.88
C ASP A 47 -5.20 8.93 2.14
N THR A 48 -5.57 8.82 3.36
CA THR A 48 -6.91 8.44 3.72
C THR A 48 -7.91 9.58 3.45
N VAL A 49 -7.46 10.80 3.65
CA VAL A 49 -8.35 11.96 3.55
C VAL A 49 -8.54 12.35 2.12
N ASN A 50 -7.45 12.40 1.43
CA ASN A 50 -7.42 12.81 0.04
C ASN A 50 -7.68 11.64 -0.86
N LYS A 51 -7.67 10.44 -0.29
CA LYS A 51 -7.94 9.18 -1.02
C LYS A 51 -6.89 8.96 -2.10
N GLU A 52 -5.67 9.38 -1.80
CA GLU A 52 -4.59 9.34 -2.76
C GLU A 52 -3.76 8.08 -2.65
N CYS A 53 -2.88 7.86 -3.60
CA CYS A 53 -2.08 6.66 -3.66
C CYS A 53 -0.64 7.03 -3.87
N TYR A 54 0.19 6.53 -3.00
CA TYR A 54 1.60 6.67 -3.12
C TYR A 54 2.12 5.30 -3.18
N TYR A 55 2.88 5.05 -4.14
CA TYR A 55 3.43 3.75 -4.28
C TYR A 55 4.90 3.78 -4.03
N ASN A 56 5.35 2.87 -3.18
CA ASN A 56 6.76 2.80 -2.84
C ASN A 56 7.48 2.10 -3.90
N VAL A 57 8.44 2.81 -4.44
CA VAL A 57 9.15 2.36 -5.60
C VAL A 57 10.56 1.95 -5.28
N VAL A 58 10.91 1.98 -4.01
CA VAL A 58 12.24 1.51 -3.63
C VAL A 58 12.10 0.46 -2.51
N ASP A 59 13.21 -0.07 -2.07
CA ASP A 59 13.26 -1.06 -1.07
C ASP A 59 12.96 -0.50 0.28
N GLY A 60 11.89 -0.99 0.80
CA GLY A 60 11.37 -0.60 2.03
C GLY A 60 10.74 -1.81 2.61
N GLU A 61 11.39 -2.93 2.37
CA GLU A 61 10.96 -4.23 2.87
C GLU A 61 11.13 -4.25 4.36
N GLU A 62 11.97 -3.36 4.83
CA GLU A 62 12.19 -3.19 6.21
C GLU A 62 11.18 -2.25 6.81
N LEU A 63 10.23 -1.69 6.01
CA LEU A 63 9.23 -0.84 6.67
C LEU A 63 8.25 -1.76 7.41
N ASP A 64 8.42 -1.85 8.70
CA ASP A 64 7.60 -2.71 9.51
C ASP A 64 6.50 -1.93 10.17
N GLN A 65 5.33 -2.50 10.18
CA GLN A 65 4.13 -1.83 10.67
C GLN A 65 4.20 -1.57 12.15
N GLU A 66 4.92 -2.42 12.83
CA GLU A 66 4.92 -2.39 14.25
C GLU A 66 6.01 -1.46 14.80
N LYS A 67 6.91 -1.01 13.93
CA LYS A 67 7.90 0.00 14.34
C LYS A 67 7.46 1.34 13.81
N PHE A 68 6.44 1.27 13.01
CA PHE A 68 5.74 2.38 12.45
C PHE A 68 4.74 2.91 13.47
N VAL A 69 4.46 4.17 13.43
CA VAL A 69 3.61 4.82 14.42
C VAL A 69 2.40 5.29 13.64
N VAL A 70 1.33 5.66 14.26
CA VAL A 70 0.16 6.01 13.49
C VAL A 70 0.14 7.42 12.94
N ASP A 71 0.07 7.52 11.63
CA ASP A 71 -0.26 8.76 10.98
C ASP A 71 -1.68 8.64 10.51
N GLU A 72 -2.54 9.29 11.24
CA GLU A 72 -4.00 9.17 11.15
C GLU A 72 -4.57 9.40 9.75
N ASN A 73 -3.89 10.19 8.94
CA ASN A 73 -4.42 10.48 7.61
C ASN A 73 -3.81 9.61 6.51
N PHE A 74 -3.12 8.55 6.92
CA PHE A 74 -2.51 7.62 5.98
C PHE A 74 -2.81 6.14 6.34
N THR A 75 -2.96 5.33 5.32
CA THR A 75 -3.26 3.91 5.44
C THR A 75 -2.11 3.17 4.83
N GLU A 76 -1.62 2.14 5.52
CA GLU A 76 -0.43 1.50 5.06
C GLU A 76 -0.69 0.07 4.73
N ASN A 77 -0.35 -0.27 3.53
CA ASN A 77 -0.61 -1.54 3.01
C ASN A 77 0.67 -2.02 2.31
N TYR A 78 1.04 -3.25 2.53
CA TYR A 78 2.23 -3.75 1.92
C TYR A 78 2.04 -5.17 1.41
N LEU A 79 2.61 -5.45 0.24
CA LEU A 79 2.55 -6.78 -0.39
C LEU A 79 3.14 -7.80 0.56
N THR A 80 2.32 -8.65 1.08
CA THR A 80 2.77 -9.62 2.00
C THR A 80 2.41 -11.02 1.54
N ASP A 81 3.42 -11.75 1.09
CA ASP A 81 3.32 -13.14 0.68
C ASP A 81 2.40 -13.35 -0.50
N CYS A 82 2.79 -12.81 -1.59
CA CYS A 82 2.12 -12.98 -2.85
C CYS A 82 3.17 -13.24 -3.90
N GLU A 83 3.92 -12.17 -4.22
CA GLU A 83 5.02 -12.14 -5.19
C GLU A 83 4.68 -12.78 -6.56
N GLY A 84 3.40 -12.88 -6.84
CA GLY A 84 2.92 -13.46 -8.05
C GLY A 84 1.52 -12.96 -8.24
N LYS A 85 0.89 -13.33 -9.33
CA LYS A 85 -0.44 -12.86 -9.58
C LYS A 85 -1.45 -13.99 -9.41
N ASP A 86 -1.63 -14.76 -10.50
CA ASP A 86 -2.63 -15.85 -10.61
C ASP A 86 -4.05 -15.30 -10.42
N ALA A 87 -4.41 -15.13 -9.20
CA ALA A 87 -5.66 -14.54 -8.81
C ALA A 87 -5.29 -13.40 -7.88
N GLY A 88 -5.21 -12.24 -8.43
CA GLY A 88 -4.71 -11.14 -7.68
C GLY A 88 -5.74 -10.07 -7.48
N ASN A 89 -6.23 -9.97 -6.29
CA ASN A 89 -7.19 -8.97 -5.89
C ASN A 89 -7.15 -8.82 -4.40
N ALA A 90 -6.93 -7.63 -3.93
CA ALA A 90 -6.92 -7.41 -2.50
C ALA A 90 -7.46 -6.05 -2.15
N ALA A 91 -8.70 -6.00 -1.78
CA ALA A 91 -9.32 -4.77 -1.41
C ALA A 91 -9.24 -4.59 0.10
N GLY A 92 -8.11 -4.10 0.55
CA GLY A 92 -7.91 -3.87 1.95
C GLY A 92 -7.21 -2.56 2.21
N THR A 93 -6.96 -1.83 1.18
CA THR A 93 -6.23 -0.59 1.26
C THR A 93 -7.06 0.47 1.98
N GLY A 94 -6.59 0.92 3.17
CA GLY A 94 -7.41 1.81 3.98
C GLY A 94 -8.71 1.19 4.44
N ASP A 95 -8.79 -0.13 4.48
CA ASP A 95 -10.04 -0.80 4.87
C ASP A 95 -10.11 -1.02 6.39
N GLU A 96 -8.97 -1.27 6.98
CA GLU A 96 -8.92 -1.51 8.42
C GLU A 96 -8.77 -0.16 9.12
N SER A 97 -9.32 -0.09 10.32
CA SER A 97 -9.35 1.07 11.19
C SER A 97 -10.41 2.10 10.75
N ASP A 98 -11.59 1.95 11.30
CA ASP A 98 -12.72 2.83 11.01
C ASP A 98 -12.74 3.92 12.06
N GLU A 99 -12.67 5.16 11.66
CA GLU A 99 -12.77 6.24 12.62
C GLU A 99 -14.09 6.99 12.48
N VAL A 100 -14.27 7.68 11.37
CA VAL A 100 -15.48 8.45 11.17
C VAL A 100 -16.56 7.58 10.54
N ASP A 101 -16.34 7.17 9.32
CA ASP A 101 -17.30 6.33 8.61
C ASP A 101 -16.69 4.96 8.39
N GLU A 102 -15.95 4.82 7.32
CA GLU A 102 -15.18 3.61 7.06
C GLU A 102 -13.71 4.00 7.19
N ASP A 103 -13.52 5.25 7.48
CA ASP A 103 -12.28 5.89 7.77
C ASP A 103 -12.69 7.06 8.58
N GLU A 1 -6.41 -5.99 -16.42
CA GLU A 1 -5.51 -6.99 -16.95
C GLU A 1 -4.47 -7.44 -15.94
N GLU A 2 -4.09 -6.57 -15.03
CA GLU A 2 -3.02 -6.85 -14.10
C GLU A 2 -3.59 -7.25 -12.76
N ARG A 3 -4.66 -6.54 -12.34
CA ARG A 3 -5.43 -6.81 -11.12
C ARG A 3 -4.65 -6.46 -9.85
N GLU A 4 -5.22 -5.58 -9.01
CA GLU A 4 -4.57 -5.15 -7.77
C GLU A 4 -4.27 -6.31 -6.88
N ASP A 5 -3.00 -6.55 -6.72
CA ASP A 5 -2.49 -7.72 -6.00
C ASP A 5 -2.86 -7.72 -4.52
N CYS A 6 -2.34 -8.65 -3.79
CA CYS A 6 -2.75 -8.79 -2.42
C CYS A 6 -1.86 -8.04 -1.49
N TRP A 7 -2.36 -7.01 -0.96
CA TRP A 7 -1.61 -6.29 -0.04
C TRP A 7 -2.15 -6.65 1.29
N THR A 8 -1.30 -6.89 2.19
CA THR A 8 -1.69 -7.34 3.47
C THR A 8 -1.64 -6.16 4.38
N PHE A 9 -2.72 -5.97 5.07
CA PHE A 9 -2.89 -4.81 5.84
C PHE A 9 -2.35 -5.01 7.21
N TYR A 10 -1.49 -4.11 7.63
CA TYR A 10 -1.01 -4.17 8.96
C TYR A 10 -1.91 -3.31 9.83
N ALA A 11 -1.98 -2.01 9.51
CA ALA A 11 -2.79 -1.04 10.24
C ALA A 11 -2.62 0.29 9.54
N ASN A 12 -3.49 1.25 9.79
CA ASN A 12 -3.28 2.55 9.21
C ASN A 12 -2.32 3.28 10.10
N ARG A 13 -1.21 3.62 9.55
CA ARG A 13 -0.09 4.19 10.27
C ARG A 13 0.78 4.98 9.31
N LYS A 14 1.70 5.80 9.85
CA LYS A 14 2.83 6.41 9.09
C LYS A 14 3.92 6.90 10.03
N TYR A 15 5.15 6.63 9.64
CA TYR A 15 6.35 6.83 10.45
C TYR A 15 6.75 8.31 10.54
N THR A 16 5.90 9.18 10.04
CA THR A 16 6.16 10.60 9.90
C THR A 16 7.41 10.84 9.07
N ASP A 17 7.35 10.34 7.83
CA ASP A 17 8.45 10.40 6.88
C ASP A 17 7.98 9.86 5.54
N PHE A 18 8.27 10.58 4.48
CA PHE A 18 8.01 10.14 3.12
C PHE A 18 9.28 10.31 2.29
N ASP A 19 10.40 10.32 2.98
CA ASP A 19 11.73 10.55 2.38
C ASP A 19 12.22 9.27 1.72
N LYS A 20 11.63 8.16 2.13
CA LYS A 20 11.97 6.79 1.71
C LYS A 20 11.87 6.54 0.18
N SER A 21 11.45 7.55 -0.58
CA SER A 21 11.31 7.52 -2.03
C SER A 21 10.07 6.78 -2.51
N PHE A 22 9.02 7.54 -2.61
CA PHE A 22 7.74 7.07 -3.03
C PHE A 22 7.29 7.93 -4.15
N LYS A 23 6.48 7.42 -5.00
CA LYS A 23 5.95 8.20 -6.07
C LYS A 23 4.47 8.35 -5.87
N LYS A 24 3.96 9.52 -6.15
CA LYS A 24 2.58 9.82 -5.91
C LYS A 24 1.88 10.34 -7.15
N SER A 25 0.91 9.61 -7.54
CA SER A 25 -0.06 9.96 -8.52
C SER A 25 -1.23 9.13 -8.10
N SER A 26 -2.43 9.65 -8.01
CA SER A 26 -3.47 8.77 -7.61
C SER A 26 -4.06 8.13 -8.85
N ASP A 27 -3.59 6.93 -9.10
CA ASP A 27 -4.04 6.07 -10.15
C ASP A 27 -4.26 4.73 -9.61
N LEU A 28 -5.47 4.30 -9.48
CA LEU A 28 -5.70 3.00 -8.93
C LEU A 28 -5.11 1.95 -9.90
N ASP A 29 -5.40 2.07 -11.17
CA ASP A 29 -4.85 1.15 -12.16
C ASP A 29 -3.34 1.26 -12.19
N GLU A 30 -2.89 2.49 -12.36
CA GLU A 30 -1.49 2.78 -12.54
C GLU A 30 -0.61 2.46 -11.37
N CYS A 31 -1.05 2.77 -10.18
CA CYS A 31 -0.23 2.51 -8.99
C CYS A 31 0.07 1.05 -8.83
N LYS A 32 -0.96 0.26 -8.95
CA LYS A 32 -0.85 -1.15 -8.73
C LYS A 32 0.06 -1.71 -9.76
N LYS A 33 -0.16 -1.25 -10.97
CA LYS A 33 0.59 -1.68 -12.09
C LYS A 33 2.09 -1.30 -11.90
N THR A 34 2.35 -0.03 -11.43
CA THR A 34 3.69 0.43 -11.21
C THR A 34 4.36 -0.43 -10.16
N CYS A 35 3.61 -0.74 -9.11
CA CYS A 35 4.16 -1.61 -8.11
C CYS A 35 4.55 -2.99 -8.60
N PHE A 36 3.72 -3.57 -9.44
CA PHE A 36 4.04 -4.89 -9.98
C PHE A 36 5.28 -4.78 -10.82
N LYS A 37 5.40 -3.64 -11.51
CA LYS A 37 6.50 -3.42 -12.39
C LYS A 37 7.91 -3.45 -11.79
N THR A 38 8.29 -2.68 -10.67
CA THR A 38 9.75 -2.78 -10.39
C THR A 38 10.13 -4.20 -9.76
N GLU A 39 11.17 -4.31 -8.90
CA GLU A 39 11.26 -5.29 -7.82
C GLU A 39 10.53 -4.89 -6.59
N TYR A 40 11.02 -3.71 -6.23
CA TYR A 40 10.87 -3.02 -4.97
C TYR A 40 9.52 -2.62 -4.65
N CYS A 41 8.77 -2.33 -5.65
CA CYS A 41 7.49 -1.71 -5.43
C CYS A 41 6.49 -2.73 -4.86
N TYR A 42 6.62 -2.98 -3.59
CA TYR A 42 5.78 -3.90 -2.88
C TYR A 42 5.22 -3.30 -1.61
N ILE A 43 5.57 -2.07 -1.32
CA ILE A 43 4.96 -1.40 -0.18
C ILE A 43 4.21 -0.27 -0.74
N VAL A 44 3.01 -0.10 -0.34
CA VAL A 44 2.26 0.94 -0.89
C VAL A 44 1.60 1.67 0.25
N PHE A 45 1.46 2.93 0.11
CA PHE A 45 0.81 3.72 1.08
C PHE A 45 -0.33 4.43 0.39
N GLU A 46 -1.48 4.35 0.97
CA GLU A 46 -2.63 4.97 0.39
C GLU A 46 -3.09 6.01 1.37
N ASP A 47 -3.44 7.16 0.89
CA ASP A 47 -4.02 8.18 1.75
C ASP A 47 -5.49 7.99 1.63
N THR A 48 -6.12 7.62 2.69
CA THR A 48 -7.51 7.25 2.64
C THR A 48 -8.44 8.48 2.69
N VAL A 49 -7.92 9.60 3.17
CA VAL A 49 -8.69 10.80 3.30
C VAL A 49 -8.79 11.52 1.95
N ASN A 50 -7.66 11.63 1.33
CA ASN A 50 -7.50 12.34 0.07
C ASN A 50 -7.65 11.41 -1.09
N LYS A 51 -7.52 10.12 -0.79
CA LYS A 51 -7.50 9.06 -1.80
C LYS A 51 -6.30 9.24 -2.71
N GLU A 52 -5.19 9.57 -2.08
CA GLU A 52 -3.95 9.78 -2.79
C GLU A 52 -3.13 8.52 -2.74
N CYS A 53 -2.18 8.38 -3.61
CA CYS A 53 -1.49 7.14 -3.73
C CYS A 53 -0.02 7.37 -3.68
N TYR A 54 0.63 6.67 -2.80
CA TYR A 54 2.05 6.69 -2.74
C TYR A 54 2.50 5.27 -2.88
N TYR A 55 3.35 5.02 -3.77
CA TYR A 55 3.84 3.70 -3.91
C TYR A 55 5.30 3.65 -3.64
N ASN A 56 5.69 2.72 -2.78
CA ASN A 56 7.10 2.59 -2.39
C ASN A 56 7.88 1.96 -3.47
N VAL A 57 8.89 2.69 -3.92
CA VAL A 57 9.67 2.25 -5.07
C VAL A 57 11.05 1.75 -4.67
N VAL A 58 11.32 1.73 -3.39
CA VAL A 58 12.61 1.24 -2.90
C VAL A 58 12.34 -0.01 -2.06
N ASP A 59 13.35 -0.58 -1.48
CA ASP A 59 13.22 -1.75 -0.64
C ASP A 59 12.47 -1.43 0.64
N GLY A 60 11.20 -1.70 0.60
CA GLY A 60 10.31 -1.46 1.68
C GLY A 60 10.17 -2.68 2.51
N GLU A 61 10.89 -3.72 2.11
CA GLU A 61 11.01 -4.92 2.90
C GLU A 61 11.77 -4.52 4.15
N GLU A 62 12.53 -3.46 3.98
CA GLU A 62 13.28 -2.86 5.02
C GLU A 62 12.41 -1.92 5.85
N LEU A 63 11.15 -1.67 5.45
CA LEU A 63 10.36 -0.83 6.34
C LEU A 63 9.81 -1.67 7.46
N ASP A 64 9.97 -1.19 8.65
CA ASP A 64 9.49 -1.88 9.82
C ASP A 64 8.15 -1.33 10.18
N GLN A 65 7.12 -2.03 9.84
CA GLN A 65 5.75 -1.52 9.98
C GLN A 65 5.39 -1.41 11.44
N GLU A 66 6.03 -2.20 12.27
CA GLU A 66 5.69 -2.23 13.67
C GLU A 66 6.28 -1.02 14.39
N LYS A 67 7.40 -0.50 13.88
CA LYS A 67 8.03 0.68 14.51
C LYS A 67 7.45 1.97 13.93
N PHE A 68 6.34 1.81 13.27
CA PHE A 68 5.55 2.88 12.69
C PHE A 68 4.69 3.59 13.71
N VAL A 69 4.42 4.83 13.43
CA VAL A 69 3.66 5.73 14.26
C VAL A 69 2.44 6.01 13.41
N VAL A 70 1.39 6.57 13.91
CA VAL A 70 0.21 6.72 13.09
C VAL A 70 -0.01 8.10 12.48
N ASP A 71 -0.04 8.18 11.14
CA ASP A 71 -0.61 9.35 10.50
C ASP A 71 -2.00 8.98 10.12
N GLU A 72 -2.95 9.72 10.63
CA GLU A 72 -4.39 9.42 10.53
C GLU A 72 -4.89 9.37 9.08
N ASN A 73 -4.14 9.95 8.20
CA ASN A 73 -4.55 10.10 6.82
C ASN A 73 -4.17 8.87 5.99
N PHE A 74 -3.26 8.08 6.50
CA PHE A 74 -2.72 7.01 5.70
C PHE A 74 -3.11 5.61 6.11
N THR A 75 -2.99 4.76 5.14
CA THR A 75 -3.29 3.35 5.11
C THR A 75 -1.96 2.64 4.80
N GLU A 76 -1.62 1.56 5.52
CA GLU A 76 -0.37 0.91 5.23
C GLU A 76 -0.57 -0.51 4.83
N ASN A 77 -0.11 -0.83 3.64
CA ASN A 77 -0.32 -2.12 3.11
C ASN A 77 0.86 -2.60 2.29
N TYR A 78 1.35 -3.77 2.62
CA TYR A 78 2.52 -4.33 1.97
C TYR A 78 2.19 -5.63 1.23
N LEU A 79 2.73 -5.75 0.04
CA LEU A 79 2.50 -6.89 -0.83
C LEU A 79 3.39 -8.06 -0.44
N THR A 80 2.79 -9.05 0.12
CA THR A 80 3.48 -10.25 0.48
C THR A 80 2.73 -11.48 -0.07
N ASP A 81 3.49 -12.51 -0.42
CA ASP A 81 3.00 -13.88 -0.67
C ASP A 81 2.37 -14.11 -2.01
N CYS A 82 1.38 -13.33 -2.35
CA CYS A 82 0.69 -13.52 -3.61
C CYS A 82 1.57 -13.35 -4.84
N GLU A 83 1.90 -12.08 -5.16
CA GLU A 83 2.41 -11.72 -6.47
C GLU A 83 1.70 -12.50 -7.59
N GLY A 84 0.41 -12.25 -7.60
CA GLY A 84 -0.58 -12.97 -8.33
C GLY A 84 -1.82 -12.98 -7.45
N LYS A 85 -2.68 -11.98 -7.64
CA LYS A 85 -3.88 -11.70 -6.80
C LYS A 85 -4.72 -12.93 -6.44
N ASP A 86 -4.65 -13.35 -5.20
CA ASP A 86 -5.47 -14.46 -4.69
C ASP A 86 -6.10 -14.11 -3.36
N ALA A 87 -5.26 -13.70 -2.43
CA ALA A 87 -5.69 -13.31 -1.08
C ALA A 87 -5.98 -11.80 -1.03
N GLY A 88 -6.43 -11.25 -2.15
CA GLY A 88 -6.68 -9.82 -2.26
C GLY A 88 -7.89 -9.37 -1.50
N ASN A 89 -8.71 -10.32 -1.09
CA ASN A 89 -9.93 -10.04 -0.33
C ASN A 89 -9.62 -9.94 1.15
N ALA A 90 -8.43 -10.37 1.54
CA ALA A 90 -8.04 -10.32 2.92
C ALA A 90 -7.50 -8.93 3.26
N ALA A 91 -8.40 -8.09 3.76
CA ALA A 91 -8.15 -6.69 4.12
C ALA A 91 -7.79 -5.81 2.92
N GLY A 92 -6.57 -5.91 2.46
CA GLY A 92 -6.13 -5.15 1.33
C GLY A 92 -5.79 -3.72 1.68
N THR A 93 -6.62 -2.83 1.23
CA THR A 93 -6.38 -1.41 1.36
C THR A 93 -7.24 -0.75 2.46
N GLY A 94 -6.58 -0.27 3.52
CA GLY A 94 -7.26 0.44 4.63
C GLY A 94 -8.42 -0.31 5.22
N ASP A 95 -8.18 -1.54 5.60
CA ASP A 95 -9.25 -2.35 6.10
C ASP A 95 -8.93 -2.88 7.49
N GLU A 96 -9.42 -2.19 8.49
CA GLU A 96 -9.30 -2.60 9.87
C GLU A 96 -10.67 -2.57 10.50
N SER A 97 -11.00 -3.60 11.22
CA SER A 97 -12.23 -3.62 11.96
C SER A 97 -12.01 -2.86 13.25
N ASP A 98 -10.93 -3.22 13.94
CA ASP A 98 -10.51 -2.64 15.21
C ASP A 98 -9.28 -3.43 15.63
N GLU A 99 -8.84 -3.27 16.82
CA GLU A 99 -7.72 -4.02 17.36
C GLU A 99 -8.10 -4.40 18.77
N VAL A 100 -8.69 -5.58 18.90
CA VAL A 100 -9.21 -6.02 20.19
C VAL A 100 -8.64 -7.40 20.47
N ASP A 101 -7.62 -7.76 19.71
CA ASP A 101 -7.07 -9.13 19.70
C ASP A 101 -8.12 -10.06 19.13
N GLU A 102 -8.20 -10.03 17.82
CA GLU A 102 -9.15 -10.78 17.05
C GLU A 102 -8.65 -10.79 15.61
N ASP A 103 -8.32 -9.61 15.13
CA ASP A 103 -7.76 -9.43 13.81
C ASP A 103 -6.80 -8.28 13.83
N GLU A 1 -5.39 -10.29 -13.44
CA GLU A 1 -4.47 -10.62 -12.34
C GLU A 1 -3.62 -9.40 -12.00
N GLU A 2 -3.11 -8.80 -13.04
CA GLU A 2 -2.18 -7.69 -13.05
C GLU A 2 -2.81 -6.33 -12.66
N ARG A 3 -3.89 -6.38 -11.92
CA ARG A 3 -4.55 -5.18 -11.51
C ARG A 3 -4.03 -4.78 -10.17
N GLU A 4 -4.30 -5.60 -9.18
CA GLU A 4 -3.71 -5.43 -7.90
C GLU A 4 -3.21 -6.75 -7.43
N ASP A 5 -2.15 -6.70 -6.69
CA ASP A 5 -1.60 -7.94 -6.09
C ASP A 5 -2.21 -8.09 -4.68
N CYS A 6 -1.80 -9.07 -3.94
CA CYS A 6 -2.41 -9.32 -2.62
C CYS A 6 -1.60 -8.65 -1.55
N TRP A 7 -2.03 -7.53 -1.09
CA TRP A 7 -1.24 -6.88 -0.10
C TRP A 7 -1.86 -7.12 1.23
N THR A 8 -1.04 -7.23 2.19
CA THR A 8 -1.47 -7.52 3.52
C THR A 8 -1.47 -6.22 4.32
N PHE A 9 -2.57 -5.96 4.99
CA PHE A 9 -2.77 -4.72 5.68
C PHE A 9 -2.46 -4.87 7.16
N TYR A 10 -1.88 -3.83 7.74
CA TYR A 10 -1.62 -3.85 9.16
C TYR A 10 -2.49 -2.84 9.91
N ALA A 11 -2.38 -1.55 9.53
CA ALA A 11 -3.05 -0.47 10.24
C ALA A 11 -2.74 0.82 9.55
N ASN A 12 -3.49 1.86 9.84
CA ASN A 12 -3.10 3.15 9.32
C ASN A 12 -2.05 3.63 10.27
N ARG A 13 -0.88 3.83 9.76
CA ARG A 13 0.24 4.27 10.54
C ARG A 13 1.18 4.98 9.63
N LYS A 14 2.09 5.79 10.18
CA LYS A 14 3.28 6.30 9.45
C LYS A 14 4.38 6.71 10.39
N TYR A 15 5.61 6.60 9.95
CA TYR A 15 6.75 6.92 10.78
C TYR A 15 7.19 8.36 10.48
N THR A 16 6.16 9.19 10.34
CA THR A 16 6.21 10.64 10.11
C THR A 16 7.04 11.11 8.90
N ASP A 17 7.52 10.21 8.06
CA ASP A 17 8.27 10.61 6.90
C ASP A 17 8.01 9.62 5.78
N PHE A 18 8.49 9.93 4.60
CA PHE A 18 8.24 9.17 3.37
C PHE A 18 9.50 9.12 2.51
N ASP A 19 10.66 9.17 3.18
CA ASP A 19 12.00 9.26 2.56
C ASP A 19 12.34 8.11 1.61
N LYS A 20 11.65 7.01 1.75
CA LYS A 20 11.95 5.77 1.03
C LYS A 20 11.77 5.84 -0.51
N SER A 21 11.31 6.98 -1.03
CA SER A 21 11.16 7.24 -2.47
C SER A 21 9.89 6.59 -3.03
N PHE A 22 8.86 7.40 -3.11
CA PHE A 22 7.55 6.95 -3.50
C PHE A 22 7.06 7.78 -4.65
N LYS A 23 6.23 7.21 -5.45
CA LYS A 23 5.62 7.93 -6.55
C LYS A 23 4.12 7.95 -6.33
N LYS A 24 3.47 9.07 -6.63
CA LYS A 24 2.04 9.14 -6.42
C LYS A 24 1.33 9.85 -7.54
N SER A 25 0.18 9.38 -7.82
CA SER A 25 -0.79 9.96 -8.70
C SER A 25 -2.08 9.43 -8.17
N SER A 26 -3.24 9.89 -8.56
CA SER A 26 -4.34 9.09 -8.17
C SER A 26 -4.83 8.33 -9.41
N ASP A 27 -4.33 7.13 -9.52
CA ASP A 27 -4.75 6.13 -10.48
C ASP A 27 -4.88 4.88 -9.77
N LEU A 28 -6.06 4.45 -9.49
CA LEU A 28 -6.18 3.25 -8.68
C LEU A 28 -5.62 2.04 -9.43
N ASP A 29 -6.01 1.90 -10.67
CA ASP A 29 -5.52 0.82 -11.51
C ASP A 29 -4.02 0.99 -11.73
N GLU A 30 -3.68 2.20 -12.16
CA GLU A 30 -2.33 2.51 -12.55
C GLU A 30 -1.32 2.45 -11.46
N CYS A 31 -1.65 2.94 -10.31
CA CYS A 31 -0.68 2.96 -9.20
C CYS A 31 -0.16 1.58 -8.88
N LYS A 32 -1.06 0.64 -8.87
CA LYS A 32 -0.74 -0.71 -8.54
C LYS A 32 0.16 -1.26 -9.59
N LYS A 33 -0.21 -0.96 -10.83
CA LYS A 33 0.53 -1.40 -11.99
C LYS A 33 1.97 -0.81 -11.94
N THR A 34 2.06 0.51 -11.61
CA THR A 34 3.28 1.22 -11.57
C THR A 34 4.20 0.64 -10.51
N CYS A 35 3.64 0.27 -9.38
CA CYS A 35 4.43 -0.43 -8.37
C CYS A 35 5.02 -1.68 -8.94
N PHE A 36 4.19 -2.46 -9.65
CA PHE A 36 4.57 -3.81 -10.10
C PHE A 36 5.72 -3.71 -11.02
N LYS A 37 5.72 -2.67 -11.80
CA LYS A 37 6.76 -2.46 -12.69
C LYS A 37 8.17 -2.37 -12.11
N THR A 38 8.44 -1.66 -10.94
CA THR A 38 9.88 -1.50 -10.69
C THR A 38 10.64 -2.83 -10.26
N GLU A 39 11.70 -2.79 -9.44
CA GLU A 39 12.19 -3.99 -8.81
C GLU A 39 11.47 -4.47 -7.64
N TYR A 40 11.44 -3.55 -6.70
CA TYR A 40 11.00 -3.78 -5.36
C TYR A 40 9.58 -4.11 -5.20
N CYS A 41 8.70 -3.51 -6.07
CA CYS A 41 7.19 -3.47 -5.81
C CYS A 41 6.71 -4.22 -4.57
N TYR A 42 6.50 -3.51 -3.47
CA TYR A 42 5.97 -4.16 -2.28
C TYR A 42 5.34 -3.27 -1.24
N ILE A 43 5.82 -2.06 -1.05
CA ILE A 43 5.22 -1.29 0.01
C ILE A 43 4.40 -0.22 -0.61
N VAL A 44 3.22 0.00 -0.13
CA VAL A 44 2.40 1.00 -0.70
C VAL A 44 1.76 1.80 0.43
N PHE A 45 1.74 3.10 0.29
CA PHE A 45 1.12 3.96 1.26
C PHE A 45 0.13 4.78 0.53
N GLU A 46 -1.05 4.86 1.00
CA GLU A 46 -2.05 5.61 0.31
C GLU A 46 -2.78 6.41 1.32
N ASP A 47 -3.35 7.51 0.95
CA ASP A 47 -4.05 8.26 1.95
C ASP A 47 -5.49 8.29 1.59
N THR A 48 -6.33 8.26 2.59
CA THR A 48 -7.76 8.13 2.40
C THR A 48 -8.43 9.51 2.31
N VAL A 49 -7.71 10.56 2.66
CA VAL A 49 -8.28 11.89 2.66
C VAL A 49 -8.30 12.43 1.24
N ASN A 50 -7.21 12.25 0.56
CA ASN A 50 -7.07 12.67 -0.83
C ASN A 50 -7.37 11.51 -1.74
N LYS A 51 -7.19 10.33 -1.19
CA LYS A 51 -7.27 9.09 -1.91
C LYS A 51 -6.21 9.03 -2.97
N GLU A 52 -5.01 9.33 -2.53
CA GLU A 52 -3.84 9.34 -3.37
C GLU A 52 -3.07 8.07 -3.13
N CYS A 53 -2.46 7.56 -4.16
CA CYS A 53 -1.75 6.33 -4.04
C CYS A 53 -0.27 6.57 -4.19
N TYR A 54 0.49 6.18 -3.18
CA TYR A 54 1.91 6.34 -3.21
C TYR A 54 2.44 4.96 -3.11
N TYR A 55 3.27 4.63 -4.00
CA TYR A 55 3.80 3.31 -4.01
C TYR A 55 5.26 3.35 -3.81
N ASN A 56 5.72 2.47 -2.95
CA ASN A 56 7.14 2.40 -2.64
C ASN A 56 7.83 1.67 -3.73
N VAL A 57 8.78 2.36 -4.30
CA VAL A 57 9.46 1.83 -5.46
C VAL A 57 10.85 1.34 -5.11
N VAL A 58 11.28 1.64 -3.91
CA VAL A 58 12.60 1.24 -3.45
C VAL A 58 12.39 0.22 -2.33
N ASP A 59 13.43 -0.12 -1.63
CA ASP A 59 13.38 -1.07 -0.57
C ASP A 59 12.45 -0.61 0.51
N GLY A 60 11.67 -1.49 0.91
CA GLY A 60 10.73 -1.28 1.94
C GLY A 60 10.54 -2.53 2.74
N GLU A 61 11.37 -3.53 2.49
CA GLU A 61 11.36 -4.76 3.27
C GLU A 61 11.84 -4.46 4.66
N GLU A 62 12.55 -3.36 4.76
CA GLU A 62 13.01 -2.85 6.01
C GLU A 62 11.91 -2.09 6.71
N LEU A 63 10.80 -1.80 6.00
CA LEU A 63 9.74 -1.08 6.67
C LEU A 63 8.88 -2.05 7.44
N ASP A 64 9.08 -2.07 8.74
CA ASP A 64 8.27 -2.87 9.63
C ASP A 64 7.19 -2.02 10.24
N GLN A 65 5.98 -2.43 10.02
CA GLN A 65 4.75 -1.68 10.38
C GLN A 65 4.68 -1.45 11.88
N GLU A 66 5.26 -2.35 12.60
CA GLU A 66 5.22 -2.35 14.05
C GLU A 66 6.10 -1.24 14.61
N LYS A 67 7.09 -0.82 13.84
CA LYS A 67 7.98 0.24 14.29
C LYS A 67 7.47 1.59 13.80
N PHE A 68 6.37 1.52 13.10
CA PHE A 68 5.63 2.64 12.62
C PHE A 68 4.77 3.23 13.72
N VAL A 69 4.51 4.49 13.61
CA VAL A 69 3.75 5.27 14.59
C VAL A 69 2.49 5.64 13.84
N VAL A 70 1.47 6.06 14.46
CA VAL A 70 0.22 6.16 13.76
C VAL A 70 -0.01 7.51 13.04
N ASP A 71 -0.12 7.45 11.75
CA ASP A 71 -0.65 8.54 10.95
C ASP A 71 -2.07 8.12 10.63
N GLU A 72 -3.00 8.99 10.85
CA GLU A 72 -4.40 8.63 10.76
C GLU A 72 -5.01 9.02 9.39
N ASN A 73 -4.19 9.46 8.47
CA ASN A 73 -4.70 9.84 7.17
C ASN A 73 -4.17 8.94 6.06
N PHE A 74 -3.06 8.27 6.33
CA PHE A 74 -2.50 7.29 5.41
C PHE A 74 -2.79 5.86 5.85
N THR A 75 -2.77 4.97 4.89
CA THR A 75 -3.05 3.58 5.08
C THR A 75 -1.80 2.83 4.70
N GLU A 76 -1.40 1.88 5.51
CA GLU A 76 -0.19 1.19 5.25
C GLU A 76 -0.47 -0.25 4.92
N ASN A 77 -0.04 -0.64 3.74
CA ASN A 77 -0.31 -1.93 3.24
C ASN A 77 0.87 -2.44 2.45
N TYR A 78 1.27 -3.68 2.67
CA TYR A 78 2.50 -4.14 2.08
C TYR A 78 2.37 -5.52 1.51
N LEU A 79 3.01 -5.71 0.38
CA LEU A 79 2.96 -6.92 -0.35
C LEU A 79 3.94 -7.96 0.13
N THR A 80 3.51 -8.63 1.09
CA THR A 80 4.14 -9.81 1.54
C THR A 80 3.04 -10.88 1.64
N ASP A 81 3.01 -11.81 0.69
CA ASP A 81 2.06 -12.95 0.66
C ASP A 81 2.10 -13.63 -0.69
N CYS A 82 1.61 -12.94 -1.69
CA CYS A 82 1.53 -13.49 -3.03
C CYS A 82 2.81 -13.26 -3.83
N GLU A 83 3.15 -11.98 -4.04
CA GLU A 83 4.22 -11.59 -4.97
C GLU A 83 3.92 -12.21 -6.32
N GLY A 84 2.75 -11.90 -6.78
CA GLY A 84 2.16 -12.52 -7.89
C GLY A 84 0.78 -12.88 -7.46
N LYS A 85 -0.19 -12.06 -7.87
CA LYS A 85 -1.59 -12.16 -7.45
C LYS A 85 -2.12 -13.59 -7.62
N ASP A 86 -2.11 -14.32 -6.52
CA ASP A 86 -2.43 -15.74 -6.51
C ASP A 86 -3.62 -16.04 -5.62
N ALA A 87 -3.59 -15.54 -4.38
CA ALA A 87 -4.67 -15.79 -3.43
C ALA A 87 -5.97 -15.14 -3.89
N GLY A 88 -5.84 -14.04 -4.59
CA GLY A 88 -6.99 -13.40 -5.16
C GLY A 88 -7.40 -12.16 -4.43
N ASN A 89 -7.16 -12.14 -3.13
CA ASN A 89 -7.53 -11.00 -2.29
C ASN A 89 -6.73 -9.78 -2.68
N ALA A 90 -7.38 -8.66 -2.66
CA ALA A 90 -6.75 -7.42 -2.95
C ALA A 90 -7.14 -6.46 -1.87
N ALA A 91 -6.19 -5.75 -1.34
CA ALA A 91 -6.43 -4.84 -0.26
C ALA A 91 -7.17 -3.64 -0.77
N GLY A 92 -6.69 -3.11 -1.88
CA GLY A 92 -7.23 -1.90 -2.41
C GLY A 92 -6.55 -0.74 -1.75
N THR A 93 -6.75 -0.65 -0.44
CA THR A 93 -6.15 0.30 0.45
C THR A 93 -6.87 0.10 1.79
N GLY A 94 -6.28 0.50 2.91
CA GLY A 94 -7.02 0.39 4.16
C GLY A 94 -8.07 1.47 4.31
N ASP A 95 -8.84 1.39 5.37
CA ASP A 95 -9.88 2.37 5.64
C ASP A 95 -10.15 2.36 7.11
N GLU A 96 -10.58 1.19 7.56
CA GLU A 96 -10.90 0.89 8.93
C GLU A 96 -11.90 1.84 9.56
N SER A 97 -13.14 1.54 9.35
CA SER A 97 -14.20 2.26 9.96
C SER A 97 -14.40 1.69 11.35
N ASP A 98 -14.92 2.49 12.26
CA ASP A 98 -15.06 2.06 13.63
C ASP A 98 -16.29 1.21 13.79
N GLU A 99 -16.13 -0.08 13.60
CA GLU A 99 -17.23 -0.99 13.78
C GLU A 99 -17.05 -1.83 15.02
N VAL A 100 -18.03 -1.71 15.90
CA VAL A 100 -18.23 -2.50 17.14
C VAL A 100 -17.02 -2.58 18.11
N ASP A 101 -15.98 -3.32 17.77
CA ASP A 101 -14.88 -3.51 18.71
C ASP A 101 -13.93 -2.33 18.69
N GLU A 102 -14.03 -1.55 17.63
CA GLU A 102 -13.21 -0.35 17.50
C GLU A 102 -13.82 0.81 18.27
N ASP A 103 -15.13 0.82 18.36
CA ASP A 103 -15.85 1.88 19.02
C ASP A 103 -17.15 1.34 19.53
N GLU A 1 -6.84 -2.10 -15.01
CA GLU A 1 -6.12 -2.86 -13.99
C GLU A 1 -6.96 -2.96 -12.73
N GLU A 2 -7.63 -4.07 -12.58
CA GLU A 2 -8.50 -4.31 -11.43
C GLU A 2 -7.77 -5.21 -10.44
N ARG A 3 -6.54 -5.51 -10.76
CA ARG A 3 -5.75 -6.38 -9.94
C ARG A 3 -4.63 -5.66 -9.30
N GLU A 4 -4.65 -5.72 -8.03
CA GLU A 4 -3.59 -5.22 -7.20
C GLU A 4 -2.81 -6.42 -6.79
N ASP A 5 -1.58 -6.25 -6.35
CA ASP A 5 -0.83 -7.39 -5.74
C ASP A 5 -1.53 -7.79 -4.45
N CYS A 6 -0.97 -8.69 -3.73
CA CYS A 6 -1.59 -9.03 -2.50
C CYS A 6 -1.07 -8.27 -1.33
N TRP A 7 -1.77 -7.24 -0.97
CA TRP A 7 -1.34 -6.40 0.09
C TRP A 7 -2.13 -6.77 1.31
N THR A 8 -1.48 -6.94 2.39
CA THR A 8 -2.17 -7.24 3.58
C THR A 8 -2.19 -5.97 4.40
N PHE A 9 -3.34 -5.63 4.89
CA PHE A 9 -3.48 -4.38 5.57
C PHE A 9 -3.23 -4.56 7.03
N TYR A 10 -2.36 -3.75 7.58
CA TYR A 10 -2.07 -3.85 8.98
C TYR A 10 -2.98 -2.91 9.77
N ALA A 11 -2.86 -1.61 9.53
CA ALA A 11 -3.60 -0.62 10.31
C ALA A 11 -3.32 0.73 9.72
N ASN A 12 -4.13 1.73 10.06
CA ASN A 12 -3.74 3.04 9.60
C ASN A 12 -2.76 3.56 10.62
N ARG A 13 -1.59 3.79 10.14
CA ARG A 13 -0.45 4.30 10.86
C ARG A 13 0.41 4.95 9.82
N LYS A 14 1.41 5.71 10.23
CA LYS A 14 2.51 6.04 9.37
C LYS A 14 3.75 6.56 10.11
N TYR A 15 4.91 6.15 9.68
CA TYR A 15 6.17 6.50 10.33
C TYR A 15 6.70 7.84 9.75
N THR A 16 5.78 8.78 9.61
CA THR A 16 6.00 10.18 9.23
C THR A 16 6.64 10.51 7.85
N ASP A 17 7.59 9.76 7.37
CA ASP A 17 8.26 10.12 6.13
C ASP A 17 8.06 9.11 5.03
N PHE A 18 8.50 9.53 3.88
CA PHE A 18 8.48 8.75 2.66
C PHE A 18 9.90 8.74 2.06
N ASP A 19 10.90 8.79 2.98
CA ASP A 19 12.36 8.82 2.64
C ASP A 19 12.77 7.60 1.81
N LYS A 20 11.97 6.59 1.90
CA LYS A 20 12.16 5.31 1.24
C LYS A 20 11.85 5.35 -0.26
N SER A 21 11.41 6.51 -0.75
CA SER A 21 11.19 6.79 -2.17
C SER A 21 9.92 6.16 -2.73
N PHE A 22 8.89 6.97 -2.75
CA PHE A 22 7.59 6.59 -3.23
C PHE A 22 7.21 7.49 -4.35
N LYS A 23 6.43 7.03 -5.24
CA LYS A 23 5.96 7.86 -6.31
C LYS A 23 4.47 8.03 -6.09
N LYS A 24 3.96 9.22 -6.26
CA LYS A 24 2.56 9.47 -6.01
C LYS A 24 1.88 9.99 -7.25
N SER A 25 0.89 9.30 -7.62
CA SER A 25 -0.02 9.68 -8.64
C SER A 25 -1.26 8.98 -8.25
N SER A 26 -2.39 9.58 -8.20
CA SER A 26 -3.48 8.78 -7.80
C SER A 26 -4.27 8.30 -8.98
N ASP A 27 -3.94 7.09 -9.35
CA ASP A 27 -4.58 6.29 -10.36
C ASP A 27 -4.78 4.97 -9.79
N LEU A 28 -5.97 4.51 -9.63
CA LEU A 28 -6.15 3.23 -8.98
C LEU A 28 -5.54 2.12 -9.85
N ASP A 29 -5.88 2.11 -11.13
CA ASP A 29 -5.30 1.12 -12.07
C ASP A 29 -3.81 1.33 -12.18
N GLU A 30 -3.46 2.58 -12.46
CA GLU A 30 -2.11 2.95 -12.76
C GLU A 30 -1.16 2.73 -11.65
N CYS A 31 -1.56 2.99 -10.45
CA CYS A 31 -0.67 2.84 -9.29
C CYS A 31 -0.13 1.46 -9.17
N LYS A 32 -0.99 0.50 -9.22
CA LYS A 32 -0.62 -0.86 -9.00
C LYS A 32 0.31 -1.23 -10.08
N LYS A 33 -0.10 -0.83 -11.27
CA LYS A 33 0.63 -1.10 -12.46
C LYS A 33 2.03 -0.45 -12.41
N THR A 34 2.10 0.82 -11.94
CA THR A 34 3.34 1.53 -11.80
C THR A 34 4.22 0.81 -10.80
N CYS A 35 3.60 0.36 -9.69
CA CYS A 35 4.32 -0.41 -8.71
C CYS A 35 4.88 -1.66 -9.34
N PHE A 36 4.03 -2.35 -10.16
CA PHE A 36 4.38 -3.66 -10.72
C PHE A 36 5.57 -3.48 -11.59
N LYS A 37 5.59 -2.34 -12.24
CA LYS A 37 6.71 -1.96 -13.02
C LYS A 37 8.11 -1.97 -12.37
N THR A 38 8.37 -1.45 -11.08
CA THR A 38 9.82 -1.46 -10.80
C THR A 38 10.41 -2.90 -10.53
N GLU A 39 11.45 -3.04 -9.69
CA GLU A 39 11.85 -4.31 -9.13
C GLU A 39 11.06 -4.74 -7.98
N TYR A 40 11.10 -3.82 -7.05
CA TYR A 40 10.69 -4.00 -5.71
C TYR A 40 9.28 -4.26 -5.51
N CYS A 41 8.43 -3.65 -6.39
CA CYS A 41 6.92 -3.56 -6.13
C CYS A 41 6.38 -4.41 -4.96
N TYR A 42 6.18 -3.77 -3.80
CA TYR A 42 5.65 -4.51 -2.64
C TYR A 42 5.04 -3.67 -1.50
N ILE A 43 5.26 -2.37 -1.44
CA ILE A 43 4.67 -1.64 -0.32
C ILE A 43 3.91 -0.49 -0.91
N VAL A 44 2.76 -0.19 -0.38
CA VAL A 44 2.02 0.94 -0.88
C VAL A 44 1.48 1.70 0.31
N PHE A 45 1.42 3.00 0.23
CA PHE A 45 0.84 3.80 1.29
C PHE A 45 -0.12 4.76 0.64
N GLU A 46 -1.31 4.85 1.12
CA GLU A 46 -2.23 5.79 0.54
C GLU A 46 -2.72 6.74 1.58
N ASP A 47 -3.13 7.89 1.15
CA ASP A 47 -3.75 8.88 2.01
C ASP A 47 -5.20 8.54 2.04
N THR A 48 -5.74 8.31 3.21
CA THR A 48 -7.10 7.85 3.40
C THR A 48 -8.13 8.89 2.94
N VAL A 49 -7.80 10.14 3.17
CA VAL A 49 -8.73 11.25 2.99
C VAL A 49 -8.83 11.62 1.53
N ASN A 50 -7.71 11.71 0.92
CA ASN A 50 -7.57 12.15 -0.44
C ASN A 50 -7.56 10.98 -1.39
N LYS A 51 -7.29 9.80 -0.83
CA LYS A 51 -7.05 8.57 -1.59
C LYS A 51 -5.84 8.77 -2.47
N GLU A 52 -4.89 9.52 -1.91
CA GLU A 52 -3.65 9.83 -2.60
C GLU A 52 -2.80 8.61 -2.59
N CYS A 53 -2.20 8.31 -3.68
CA CYS A 53 -1.58 7.06 -3.82
C CYS A 53 -0.11 7.23 -3.87
N TYR A 54 0.57 6.65 -2.92
CA TYR A 54 1.98 6.67 -2.90
C TYR A 54 2.39 5.23 -2.94
N TYR A 55 3.20 4.91 -3.83
CA TYR A 55 3.62 3.56 -3.97
C TYR A 55 5.09 3.39 -3.75
N ASN A 56 5.43 2.44 -2.90
CA ASN A 56 6.84 2.17 -2.58
C ASN A 56 7.49 1.53 -3.72
N VAL A 57 8.46 2.22 -4.25
CA VAL A 57 9.08 1.76 -5.47
C VAL A 57 10.46 1.21 -5.23
N VAL A 58 11.03 1.54 -4.10
CA VAL A 58 12.37 1.08 -3.78
C VAL A 58 12.25 0.02 -2.68
N ASP A 59 13.33 -0.38 -2.12
CA ASP A 59 13.34 -1.39 -1.11
C ASP A 59 12.67 -0.87 0.15
N GLY A 60 11.68 -1.58 0.53
CA GLY A 60 10.87 -1.22 1.64
C GLY A 60 10.39 -2.44 2.35
N GLU A 61 11.01 -3.59 2.10
CA GLU A 61 10.64 -4.80 2.83
C GLU A 61 11.11 -4.67 4.26
N GLU A 62 12.10 -3.80 4.45
CA GLU A 62 12.60 -3.45 5.73
C GLU A 62 11.74 -2.37 6.37
N LEU A 63 10.63 -1.94 5.71
CA LEU A 63 9.73 -1.02 6.41
C LEU A 63 9.09 -1.78 7.55
N ASP A 64 9.56 -1.50 8.72
CA ASP A 64 9.23 -2.25 9.90
C ASP A 64 7.92 -1.76 10.49
N GLN A 65 6.89 -2.48 10.18
CA GLN A 65 5.49 -2.11 10.39
C GLN A 65 5.11 -1.70 11.83
N GLU A 66 5.58 -2.40 12.82
CA GLU A 66 5.10 -2.11 14.17
C GLU A 66 5.82 -0.93 14.80
N LYS A 67 6.86 -0.46 14.14
CA LYS A 67 7.68 0.64 14.64
C LYS A 67 7.17 1.95 14.05
N PHE A 68 6.06 1.83 13.39
CA PHE A 68 5.32 2.88 12.80
C PHE A 68 4.48 3.61 13.85
N VAL A 69 4.25 4.87 13.58
CA VAL A 69 3.57 5.81 14.47
C VAL A 69 2.34 6.14 13.69
N VAL A 70 1.34 6.75 14.21
CA VAL A 70 0.12 6.88 13.43
C VAL A 70 -0.08 8.22 12.71
N ASP A 71 -0.12 8.18 11.37
CA ASP A 71 -0.69 9.29 10.62
C ASP A 71 -2.09 8.86 10.28
N GLU A 72 -3.06 9.45 10.95
CA GLU A 72 -4.49 9.04 10.84
C GLU A 72 -5.03 9.25 9.43
N ASN A 73 -4.34 10.04 8.67
CA ASN A 73 -4.71 10.38 7.32
C ASN A 73 -4.12 9.44 6.29
N PHE A 74 -3.43 8.39 6.74
CA PHE A 74 -2.80 7.46 5.82
C PHE A 74 -3.09 5.99 6.15
N THR A 75 -2.98 5.15 5.14
CA THR A 75 -3.22 3.73 5.20
C THR A 75 -1.93 3.03 4.84
N GLU A 76 -1.57 1.97 5.54
CA GLU A 76 -0.39 1.24 5.16
C GLU A 76 -0.64 -0.19 4.90
N ASN A 77 -0.20 -0.62 3.76
CA ASN A 77 -0.44 -1.94 3.30
C ASN A 77 0.84 -2.48 2.70
N TYR A 78 1.12 -3.73 2.92
CA TYR A 78 2.33 -4.30 2.37
C TYR A 78 2.13 -5.71 1.80
N LEU A 79 2.78 -5.95 0.69
CA LEU A 79 2.79 -7.25 0.00
C LEU A 79 3.86 -8.10 0.64
N THR A 80 3.49 -9.20 1.23
CA THR A 80 4.48 -10.05 1.82
C THR A 80 4.37 -11.49 1.30
N ASP A 81 5.33 -11.82 0.43
CA ASP A 81 5.62 -13.18 -0.11
C ASP A 81 4.38 -14.10 -0.35
N CYS A 82 3.28 -13.53 -0.75
CA CYS A 82 2.11 -14.33 -1.08
C CYS A 82 2.17 -14.78 -2.53
N GLU A 83 2.65 -13.90 -3.38
CA GLU A 83 2.81 -14.16 -4.80
C GLU A 83 3.57 -12.99 -5.36
N GLY A 84 3.80 -13.00 -6.63
CA GLY A 84 4.41 -11.89 -7.27
C GLY A 84 3.34 -10.92 -7.69
N LYS A 85 2.94 -11.01 -8.92
CA LYS A 85 1.84 -10.22 -9.46
C LYS A 85 1.03 -11.14 -10.34
N ASP A 86 0.22 -11.97 -9.73
CA ASP A 86 -0.57 -12.93 -10.48
C ASP A 86 -2.00 -12.51 -10.48
N ALA A 87 -2.59 -12.48 -9.31
CA ALA A 87 -3.97 -12.13 -9.16
C ALA A 87 -4.15 -11.15 -8.03
N GLY A 88 -3.31 -11.28 -7.02
CA GLY A 88 -3.41 -10.44 -5.85
C GLY A 88 -4.69 -10.69 -5.11
N ASN A 89 -5.38 -9.64 -4.78
CA ASN A 89 -6.66 -9.74 -4.09
C ASN A 89 -7.39 -8.43 -4.26
N ALA A 90 -8.61 -8.39 -3.81
CA ALA A 90 -9.38 -7.18 -3.84
C ALA A 90 -9.32 -6.56 -2.48
N ALA A 91 -9.17 -5.25 -2.44
CA ALA A 91 -9.09 -4.46 -1.22
C ALA A 91 -7.82 -4.77 -0.42
N GLY A 92 -6.75 -4.09 -0.77
CA GLY A 92 -5.50 -4.27 -0.07
C GLY A 92 -5.14 -3.07 0.76
N THR A 93 -5.51 -1.90 0.29
CA THR A 93 -5.16 -0.69 0.95
C THR A 93 -6.39 -0.03 1.57
N GLY A 94 -6.20 0.56 2.77
CA GLY A 94 -7.28 1.24 3.46
C GLY A 94 -8.33 0.33 4.05
N ASP A 95 -8.97 -0.41 3.18
CA ASP A 95 -10.07 -1.26 3.54
C ASP A 95 -9.56 -2.48 4.25
N GLU A 96 -9.75 -2.51 5.54
CA GLU A 96 -9.39 -3.63 6.38
C GLU A 96 -10.23 -4.81 5.94
N SER A 97 -9.61 -5.73 5.26
CA SER A 97 -10.31 -6.83 4.67
C SER A 97 -9.56 -8.12 4.94
N ASP A 98 -10.32 -9.15 5.20
CA ASP A 98 -9.76 -10.48 5.40
C ASP A 98 -9.70 -11.12 4.05
N GLU A 99 -8.88 -12.11 3.88
CA GLU A 99 -8.74 -12.68 2.57
C GLU A 99 -9.48 -14.00 2.40
N VAL A 100 -9.27 -14.94 3.30
CA VAL A 100 -9.88 -16.25 3.15
C VAL A 100 -10.63 -16.76 4.39
N ASP A 101 -11.79 -16.15 4.63
CA ASP A 101 -12.76 -16.53 5.71
C ASP A 101 -12.22 -16.37 7.12
N GLU A 102 -11.32 -17.25 7.51
CA GLU A 102 -10.73 -17.23 8.83
C GLU A 102 -9.83 -16.00 8.94
N ASP A 103 -8.88 -15.92 8.04
CA ASP A 103 -7.96 -14.81 7.98
C ASP A 103 -7.32 -14.83 6.61
N GLU A 1 -3.63 -9.42 -15.58
CA GLU A 1 -4.54 -10.54 -15.72
C GLU A 1 -5.79 -10.35 -14.84
N GLU A 2 -5.59 -9.94 -13.58
CA GLU A 2 -6.71 -9.74 -12.67
C GLU A 2 -6.62 -8.39 -11.98
N ARG A 3 -5.48 -7.72 -12.15
CA ARG A 3 -5.21 -6.41 -11.57
C ARG A 3 -4.98 -6.46 -10.06
N GLU A 4 -4.20 -5.51 -9.56
CA GLU A 4 -3.73 -5.42 -8.16
C GLU A 4 -2.90 -6.64 -7.78
N ASP A 5 -2.38 -6.61 -6.59
CA ASP A 5 -1.71 -7.79 -6.01
C ASP A 5 -2.12 -7.91 -4.55
N CYS A 6 -1.53 -8.83 -3.83
CA CYS A 6 -1.92 -9.07 -2.44
C CYS A 6 -1.08 -8.38 -1.42
N TRP A 7 -1.64 -7.39 -0.84
CA TRP A 7 -0.98 -6.68 0.19
C TRP A 7 -1.77 -6.95 1.43
N THR A 8 -1.10 -7.16 2.50
CA THR A 8 -1.79 -7.45 3.71
C THR A 8 -1.76 -6.22 4.58
N PHE A 9 -2.92 -5.89 5.11
CA PHE A 9 -3.10 -4.67 5.81
C PHE A 9 -2.79 -4.79 7.28
N TYR A 10 -2.08 -3.81 7.81
CA TYR A 10 -1.80 -3.80 9.23
C TYR A 10 -2.76 -2.84 9.97
N ALA A 11 -2.67 -1.55 9.67
CA ALA A 11 -3.44 -0.48 10.33
C ALA A 11 -3.07 0.80 9.60
N ASN A 12 -3.79 1.90 9.78
CA ASN A 12 -3.32 3.08 9.07
C ASN A 12 -2.23 3.65 9.95
N ARG A 13 -1.02 3.67 9.44
CA ARG A 13 0.16 4.08 10.18
C ARG A 13 1.21 4.59 9.26
N LYS A 14 2.18 5.27 9.81
CA LYS A 14 3.28 5.72 9.04
C LYS A 14 4.52 6.08 9.86
N TYR A 15 5.65 5.67 9.41
CA TYR A 15 6.87 6.12 9.99
C TYR A 15 7.18 7.43 9.25
N THR A 16 6.64 8.48 9.83
CA THR A 16 6.55 9.85 9.38
C THR A 16 7.71 10.41 8.57
N ASP A 17 7.70 10.03 7.32
CA ASP A 17 8.52 10.62 6.25
C ASP A 17 8.24 9.89 4.96
N PHE A 18 8.38 10.59 3.85
CA PHE A 18 8.25 10.01 2.51
C PHE A 18 9.59 10.11 1.81
N ASP A 19 10.62 10.29 2.61
CA ASP A 19 11.99 10.45 2.14
C ASP A 19 12.54 9.13 1.62
N LYS A 20 11.93 8.04 2.04
CA LYS A 20 12.31 6.68 1.60
C LYS A 20 12.07 6.42 0.10
N SER A 21 11.49 7.40 -0.58
CA SER A 21 11.25 7.39 -2.03
C SER A 21 10.01 6.62 -2.48
N PHE A 22 8.97 7.37 -2.62
CA PHE A 22 7.68 6.92 -3.06
C PHE A 22 7.28 7.87 -4.14
N LYS A 23 6.43 7.45 -5.02
CA LYS A 23 5.93 8.37 -6.01
C LYS A 23 4.43 8.48 -5.89
N LYS A 24 3.93 9.65 -6.09
CA LYS A 24 2.52 9.90 -5.98
C LYS A 24 1.91 10.30 -7.30
N SER A 25 0.91 9.59 -7.65
CA SER A 25 0.03 9.90 -8.73
C SER A 25 -1.26 9.25 -8.31
N SER A 26 -2.39 9.89 -8.35
CA SER A 26 -3.52 9.15 -7.89
C SER A 26 -4.20 8.48 -9.05
N ASP A 27 -3.84 7.26 -9.21
CA ASP A 27 -4.42 6.30 -10.10
C ASP A 27 -4.57 5.08 -9.32
N LEU A 28 -5.75 4.71 -8.97
CA LEU A 28 -5.90 3.54 -8.14
C LEU A 28 -5.40 2.32 -8.89
N ASP A 29 -5.83 2.19 -10.14
CA ASP A 29 -5.41 1.08 -11.01
C ASP A 29 -3.93 1.15 -11.26
N GLU A 30 -3.50 2.35 -11.66
CA GLU A 30 -2.13 2.59 -12.04
C GLU A 30 -1.14 2.36 -10.94
N CYS A 31 -1.47 2.71 -9.75
CA CYS A 31 -0.55 2.51 -8.62
C CYS A 31 -0.10 1.05 -8.54
N LYS A 32 -1.03 0.12 -8.71
CA LYS A 32 -0.71 -1.30 -8.65
C LYS A 32 0.21 -1.63 -9.75
N LYS A 33 -0.13 -1.08 -10.92
CA LYS A 33 0.60 -1.31 -12.13
C LYS A 33 2.04 -0.82 -11.93
N THR A 34 2.20 0.39 -11.35
CA THR A 34 3.49 0.93 -11.10
C THR A 34 4.24 0.03 -10.15
N CYS A 35 3.53 -0.45 -9.13
CA CYS A 35 4.14 -1.41 -8.24
C CYS A 35 4.60 -2.70 -8.93
N PHE A 36 3.82 -3.21 -9.86
CA PHE A 36 4.20 -4.42 -10.59
C PHE A 36 5.46 -4.12 -11.37
N LYS A 37 5.56 -2.88 -11.86
CA LYS A 37 6.67 -2.50 -12.67
C LYS A 37 8.08 -2.58 -12.03
N THR A 38 8.42 -1.96 -10.82
CA THR A 38 9.88 -2.09 -10.51
C THR A 38 10.26 -3.57 -10.06
N GLU A 39 11.29 -3.78 -9.20
CA GLU A 39 11.40 -4.92 -8.28
C GLU A 39 10.62 -4.73 -7.01
N TYR A 40 11.07 -3.64 -6.45
CA TYR A 40 10.83 -3.14 -5.13
C TYR A 40 9.47 -2.74 -4.83
N CYS A 41 8.79 -2.29 -5.83
CA CYS A 41 7.49 -1.68 -5.61
C CYS A 41 6.47 -2.76 -5.19
N TYR A 42 6.44 -3.02 -3.92
CA TYR A 42 5.54 -3.98 -3.33
C TYR A 42 4.92 -3.42 -2.05
N ILE A 43 5.21 -2.16 -1.74
CA ILE A 43 4.63 -1.54 -0.57
C ILE A 43 3.94 -0.33 -1.06
N VAL A 44 2.78 -0.08 -0.61
CA VAL A 44 2.06 1.05 -1.08
C VAL A 44 1.42 1.70 0.12
N PHE A 45 1.29 3.00 0.09
CA PHE A 45 0.50 3.69 1.08
C PHE A 45 -0.55 4.44 0.34
N GLU A 46 -1.78 4.30 0.73
CA GLU A 46 -2.83 4.95 -0.01
C GLU A 46 -3.65 5.84 0.92
N ASP A 47 -3.92 7.06 0.48
CA ASP A 47 -4.53 8.07 1.35
C ASP A 47 -6.04 8.07 1.21
N THR A 48 -6.71 8.01 2.33
CA THR A 48 -8.15 7.97 2.41
C THR A 48 -8.75 9.40 2.58
N VAL A 49 -8.01 10.28 3.21
CA VAL A 49 -8.51 11.62 3.55
C VAL A 49 -8.40 12.55 2.34
N ASN A 50 -7.27 12.49 1.73
CA ASN A 50 -6.86 13.32 0.61
C ASN A 50 -7.11 12.61 -0.69
N LYS A 51 -7.46 11.33 -0.58
CA LYS A 51 -7.60 10.41 -1.72
C LYS A 51 -6.41 10.49 -2.67
N GLU A 52 -5.30 10.06 -2.16
CA GLU A 52 -4.04 10.13 -2.86
C GLU A 52 -3.35 8.77 -2.78
N CYS A 53 -2.20 8.65 -3.40
CA CYS A 53 -1.54 7.37 -3.45
C CYS A 53 -0.04 7.54 -3.52
N TYR A 54 0.67 6.88 -2.65
CA TYR A 54 2.11 6.84 -2.73
C TYR A 54 2.52 5.41 -2.85
N TYR A 55 3.29 5.14 -3.81
CA TYR A 55 3.77 3.78 -3.99
C TYR A 55 5.24 3.68 -3.72
N ASN A 56 5.59 2.73 -2.87
CA ASN A 56 6.98 2.50 -2.43
C ASN A 56 7.78 1.87 -3.50
N VAL A 57 8.84 2.55 -3.90
CA VAL A 57 9.63 2.08 -5.03
C VAL A 57 11.00 1.56 -4.60
N VAL A 58 11.26 1.57 -3.33
CA VAL A 58 12.56 1.09 -2.81
C VAL A 58 12.28 -0.11 -1.90
N ASP A 59 13.26 -0.58 -1.21
CA ASP A 59 13.13 -1.71 -0.30
C ASP A 59 12.13 -1.41 0.78
N GLY A 60 10.97 -1.92 0.58
CA GLY A 60 9.90 -1.71 1.49
C GLY A 60 9.76 -2.91 2.37
N GLU A 61 10.54 -3.95 2.05
CA GLU A 61 10.64 -5.13 2.91
C GLU A 61 11.27 -4.68 4.22
N GLU A 62 12.03 -3.60 4.12
CA GLU A 62 12.65 -2.96 5.23
C GLU A 62 11.62 -2.20 6.05
N LEU A 63 10.50 -1.83 5.43
CA LEU A 63 9.53 -1.04 6.15
C LEU A 63 8.71 -1.95 7.01
N ASP A 64 8.99 -1.90 8.28
CA ASP A 64 8.32 -2.74 9.22
C ASP A 64 7.17 -1.98 9.83
N GLN A 65 6.02 -2.54 9.69
CA GLN A 65 4.75 -1.97 10.11
C GLN A 65 4.69 -1.75 11.59
N GLU A 66 5.23 -2.67 12.31
CA GLU A 66 5.24 -2.60 13.75
C GLU A 66 6.07 -1.40 14.28
N LYS A 67 6.98 -0.87 13.48
CA LYS A 67 7.77 0.30 13.91
C LYS A 67 7.18 1.59 13.36
N PHE A 68 6.06 1.45 12.72
CA PHE A 68 5.29 2.54 12.17
C PHE A 68 4.49 3.22 13.26
N VAL A 69 4.27 4.49 13.12
CA VAL A 69 3.50 5.25 14.12
C VAL A 69 2.30 5.80 13.39
N VAL A 70 1.19 5.90 14.02
CA VAL A 70 -0.01 6.24 13.30
C VAL A 70 -0.06 7.66 12.67
N ASP A 71 -0.09 7.67 11.34
CA ASP A 71 -0.42 8.85 10.57
C ASP A 71 -1.57 8.42 9.68
N GLU A 72 -2.75 8.72 10.19
CA GLU A 72 -4.08 8.21 9.78
C GLU A 72 -4.45 8.46 8.32
N ASN A 73 -3.86 9.46 7.71
CA ASN A 73 -4.23 9.82 6.32
C ASN A 73 -4.05 8.67 5.32
N PHE A 74 -2.97 7.95 5.45
CA PHE A 74 -2.68 6.85 4.56
C PHE A 74 -2.96 5.53 5.23
N THR A 75 -2.97 4.52 4.45
CA THR A 75 -3.23 3.21 4.87
C THR A 75 -1.96 2.44 4.56
N GLU A 76 -1.45 1.63 5.50
CA GLU A 76 -0.21 0.97 5.22
C GLU A 76 -0.50 -0.43 4.77
N ASN A 77 -0.08 -0.77 3.59
CA ASN A 77 -0.36 -2.08 3.10
C ASN A 77 0.85 -2.64 2.39
N TYR A 78 1.29 -3.78 2.87
CA TYR A 78 2.57 -4.34 2.45
C TYR A 78 2.35 -5.65 1.76
N LEU A 79 2.94 -5.83 0.60
CA LEU A 79 2.88 -7.10 -0.06
C LEU A 79 3.96 -7.93 0.53
N THR A 80 3.56 -8.88 1.24
CA THR A 80 4.46 -9.77 1.88
C THR A 80 4.10 -11.23 1.59
N ASP A 81 5.08 -11.97 1.09
CA ASP A 81 5.03 -13.44 0.96
C ASP A 81 4.28 -13.92 -0.24
N CYS A 82 2.99 -13.70 -0.21
CA CYS A 82 2.05 -14.26 -1.18
C CYS A 82 2.39 -14.01 -2.65
N GLU A 83 2.29 -12.76 -3.08
CA GLU A 83 2.31 -12.39 -4.52
C GLU A 83 1.19 -13.14 -5.25
N GLY A 84 0.10 -12.48 -5.43
CA GLY A 84 -1.06 -13.07 -6.03
C GLY A 84 -2.16 -12.06 -6.05
N LYS A 85 -3.17 -12.29 -6.81
CA LYS A 85 -4.21 -11.29 -6.94
C LYS A 85 -5.33 -11.48 -5.94
N ASP A 86 -5.75 -12.71 -5.73
CA ASP A 86 -6.76 -12.97 -4.71
C ASP A 86 -6.07 -13.36 -3.40
N ALA A 87 -5.14 -14.35 -3.50
CA ALA A 87 -4.30 -14.87 -2.38
C ALA A 87 -5.10 -15.50 -1.22
N GLY A 88 -5.97 -14.73 -0.64
CA GLY A 88 -6.76 -15.15 0.49
C GLY A 88 -7.41 -13.94 1.09
N ASN A 89 -6.79 -13.41 2.10
CA ASN A 89 -7.23 -12.17 2.70
C ASN A 89 -6.22 -11.09 2.39
N ALA A 90 -6.49 -10.32 1.39
CA ALA A 90 -5.61 -9.26 0.98
C ALA A 90 -6.37 -7.96 0.93
N ALA A 91 -6.12 -7.13 1.89
CA ALA A 91 -6.83 -5.88 2.01
C ALA A 91 -6.05 -4.76 1.39
N GLY A 92 -6.48 -4.38 0.22
CA GLY A 92 -5.84 -3.32 -0.49
C GLY A 92 -6.52 -2.02 -0.20
N THR A 93 -5.74 -1.05 0.24
CA THR A 93 -6.20 0.28 0.55
C THR A 93 -7.08 0.29 1.81
N GLY A 94 -6.45 0.26 2.99
CA GLY A 94 -7.23 0.27 4.22
C GLY A 94 -7.95 -1.05 4.52
N ASP A 95 -8.58 -1.13 5.68
CA ASP A 95 -9.36 -2.30 6.10
C ASP A 95 -10.25 -1.94 7.25
N GLU A 96 -11.55 -1.92 6.97
CA GLU A 96 -12.65 -1.59 7.88
C GLU A 96 -13.84 -1.29 7.01
N SER A 97 -13.52 -0.55 5.96
CA SER A 97 -14.44 -0.03 4.98
C SER A 97 -15.46 -1.04 4.47
N ASP A 98 -14.99 -2.16 3.96
CA ASP A 98 -15.91 -3.10 3.37
C ASP A 98 -16.15 -4.29 4.28
N GLU A 99 -15.70 -4.18 5.52
CA GLU A 99 -15.93 -5.25 6.47
C GLU A 99 -17.32 -5.08 7.00
N VAL A 100 -18.27 -5.65 6.32
CA VAL A 100 -19.66 -5.44 6.65
C VAL A 100 -20.34 -6.69 7.19
N ASP A 101 -20.17 -7.82 6.51
CA ASP A 101 -20.84 -9.09 6.89
C ASP A 101 -20.51 -10.16 5.88
N GLU A 102 -20.81 -9.88 4.61
CA GLU A 102 -20.49 -10.80 3.50
C GLU A 102 -18.98 -11.02 3.52
N ASP A 103 -18.30 -9.96 3.74
CA ASP A 103 -16.90 -9.88 3.92
C ASP A 103 -16.75 -8.73 4.83
N GLU A 1 -7.76 -8.70 -14.77
CA GLU A 1 -6.61 -8.08 -14.13
C GLU A 1 -6.78 -6.59 -14.11
N GLU A 2 -7.44 -6.12 -13.09
CA GLU A 2 -7.74 -4.73 -12.96
C GLU A 2 -7.86 -4.36 -11.50
N ARG A 3 -7.29 -5.20 -10.65
CA ARG A 3 -7.41 -5.01 -9.24
C ARG A 3 -6.05 -5.11 -8.61
N GLU A 4 -6.04 -5.16 -7.33
CA GLU A 4 -4.84 -5.23 -6.58
C GLU A 4 -4.50 -6.61 -6.20
N ASP A 5 -3.21 -6.87 -6.19
CA ASP A 5 -2.71 -8.15 -5.69
C ASP A 5 -2.85 -8.15 -4.16
N CYS A 6 -2.48 -9.19 -3.52
CA CYS A 6 -2.71 -9.23 -2.13
C CYS A 6 -1.58 -8.84 -1.28
N TRP A 7 -1.72 -7.68 -0.80
CA TRP A 7 -0.79 -7.14 0.08
C TRP A 7 -1.37 -7.37 1.44
N THR A 8 -0.59 -7.31 2.42
CA THR A 8 -1.08 -7.51 3.74
C THR A 8 -1.18 -6.15 4.41
N PHE A 9 -2.36 -5.87 4.89
CA PHE A 9 -2.64 -4.62 5.49
C PHE A 9 -2.57 -4.72 6.99
N TYR A 10 -1.94 -3.76 7.64
CA TYR A 10 -1.95 -3.79 9.08
C TYR A 10 -2.96 -2.78 9.65
N ALA A 11 -2.79 -1.50 9.37
CA ALA A 11 -3.64 -0.48 9.99
C ALA A 11 -3.38 0.83 9.32
N ASN A 12 -4.22 1.85 9.51
CA ASN A 12 -3.77 3.08 8.91
C ASN A 12 -2.81 3.64 9.93
N ARG A 13 -1.59 3.69 9.54
CA ARG A 13 -0.48 4.08 10.38
C ARG A 13 0.67 4.58 9.55
N LYS A 14 1.63 5.21 10.19
CA LYS A 14 2.83 5.58 9.50
C LYS A 14 4.05 5.82 10.39
N TYR A 15 5.16 5.31 9.94
CA TYR A 15 6.44 5.71 10.45
C TYR A 15 6.66 7.03 9.78
N THR A 16 6.42 8.09 10.52
CA THR A 16 6.40 9.50 10.10
C THR A 16 7.67 10.06 9.40
N ASP A 17 8.40 9.22 8.71
CA ASP A 17 9.51 9.63 7.91
C ASP A 17 9.25 9.17 6.50
N PHE A 18 8.78 10.09 5.69
CA PHE A 18 8.28 9.80 4.35
C PHE A 18 9.42 9.91 3.32
N ASP A 19 10.62 9.67 3.80
CA ASP A 19 11.88 9.78 3.06
C ASP A 19 12.05 8.68 2.02
N LYS A 20 11.33 7.60 2.20
CA LYS A 20 11.49 6.34 1.43
C LYS A 20 11.27 6.44 -0.09
N SER A 21 10.87 7.62 -0.58
CA SER A 21 10.68 7.89 -1.99
C SER A 21 9.48 7.14 -2.58
N PHE A 22 8.36 7.79 -2.52
CA PHE A 22 7.14 7.26 -3.05
C PHE A 22 6.73 8.08 -4.23
N LYS A 23 6.29 7.44 -5.25
CA LYS A 23 5.86 8.14 -6.42
C LYS A 23 4.36 8.21 -6.37
N LYS A 24 3.79 9.34 -6.70
CA LYS A 24 2.38 9.47 -6.56
C LYS A 24 1.71 9.99 -7.81
N SER A 25 0.73 9.29 -8.20
CA SER A 25 -0.21 9.65 -9.21
C SER A 25 -1.42 8.89 -8.79
N SER A 26 -2.58 9.48 -8.75
CA SER A 26 -3.65 8.68 -8.27
C SER A 26 -4.30 7.94 -9.41
N ASP A 27 -3.86 6.73 -9.54
CA ASP A 27 -4.47 5.75 -10.34
C ASP A 27 -4.53 4.56 -9.53
N LEU A 28 -5.67 4.16 -9.09
CA LEU A 28 -5.72 2.97 -8.28
C LEU A 28 -5.23 1.79 -9.09
N ASP A 29 -5.58 1.75 -10.36
CA ASP A 29 -5.16 0.68 -11.24
C ASP A 29 -3.65 0.69 -11.42
N GLU A 30 -3.14 1.86 -11.77
CA GLU A 30 -1.72 2.05 -12.06
C GLU A 30 -0.85 1.78 -10.92
N CYS A 31 -1.24 2.18 -9.75
CA CYS A 31 -0.43 1.93 -8.58
C CYS A 31 -0.17 0.46 -8.41
N LYS A 32 -1.20 -0.33 -8.60
CA LYS A 32 -1.08 -1.76 -8.46
C LYS A 32 -0.16 -2.27 -9.48
N LYS A 33 -0.37 -1.78 -10.70
CA LYS A 33 0.38 -2.19 -11.82
C LYS A 33 1.87 -1.84 -11.60
N THR A 34 2.14 -0.60 -11.13
CA THR A 34 3.47 -0.14 -10.90
C THR A 34 4.13 -0.99 -9.87
N CYS A 35 3.39 -1.28 -8.80
CA CYS A 35 3.93 -2.14 -7.81
C CYS A 35 4.28 -3.53 -8.28
N PHE A 36 3.44 -4.14 -9.10
CA PHE A 36 3.80 -5.44 -9.61
C PHE A 36 5.04 -5.29 -10.49
N LYS A 37 5.11 -4.18 -11.22
CA LYS A 37 6.18 -3.95 -12.15
C LYS A 37 7.63 -3.82 -11.65
N THR A 38 8.01 -2.89 -10.68
CA THR A 38 9.48 -2.80 -10.53
C THR A 38 10.13 -4.02 -9.76
N GLU A 39 11.26 -3.86 -8.99
CA GLU A 39 11.60 -4.71 -7.84
C GLU A 39 10.94 -4.31 -6.58
N TYR A 40 11.29 -3.06 -6.27
CA TYR A 40 11.05 -2.38 -5.01
C TYR A 40 9.67 -2.13 -4.71
N CYS A 41 8.90 -1.94 -5.74
CA CYS A 41 7.53 -1.53 -5.51
C CYS A 41 6.74 -2.71 -4.92
N TYR A 42 6.89 -2.87 -3.64
CA TYR A 42 6.22 -3.91 -2.90
C TYR A 42 5.57 -3.33 -1.66
N ILE A 43 5.52 -2.00 -1.60
CA ILE A 43 4.82 -1.32 -0.52
C ILE A 43 4.06 -0.20 -1.12
N VAL A 44 2.90 0.08 -0.62
CA VAL A 44 2.11 1.13 -1.16
C VAL A 44 1.52 1.93 0.00
N PHE A 45 1.35 3.21 -0.21
CA PHE A 45 0.71 4.07 0.75
C PHE A 45 -0.44 4.75 0.07
N GLU A 46 -1.57 4.72 0.67
CA GLU A 46 -2.75 5.26 0.04
C GLU A 46 -3.35 6.29 0.97
N ASP A 47 -3.53 7.50 0.50
CA ASP A 47 -4.02 8.57 1.34
C ASP A 47 -5.50 8.74 1.11
N THR A 48 -6.25 8.70 2.14
CA THR A 48 -7.68 8.79 2.02
C THR A 48 -8.18 10.24 2.22
N VAL A 49 -7.39 11.06 2.88
CA VAL A 49 -7.80 12.43 3.18
C VAL A 49 -7.60 13.30 1.95
N ASN A 50 -6.48 13.12 1.35
CA ASN A 50 -6.05 13.84 0.16
C ASN A 50 -6.55 13.14 -1.07
N LYS A 51 -6.93 11.88 -0.89
CA LYS A 51 -7.30 10.98 -1.97
C LYS A 51 -6.21 10.93 -3.01
N GLU A 52 -5.09 10.38 -2.60
CA GLU A 52 -3.90 10.28 -3.42
C GLU A 52 -3.31 8.90 -3.27
N CYS A 53 -2.47 8.49 -4.19
CA CYS A 53 -1.92 7.17 -4.15
C CYS A 53 -0.43 7.30 -4.29
N TYR A 54 0.27 6.76 -3.34
CA TYR A 54 1.70 6.82 -3.36
C TYR A 54 2.19 5.42 -3.35
N TYR A 55 3.02 5.12 -4.24
CA TYR A 55 3.56 3.78 -4.28
C TYR A 55 5.04 3.77 -3.94
N ASN A 56 5.41 2.87 -3.04
CA ASN A 56 6.81 2.75 -2.58
C ASN A 56 7.64 2.19 -3.64
N VAL A 57 8.57 3.01 -4.14
CA VAL A 57 9.35 2.63 -5.34
C VAL A 57 10.78 2.32 -5.03
N VAL A 58 11.15 2.46 -3.80
CA VAL A 58 12.51 2.14 -3.37
C VAL A 58 12.36 1.09 -2.30
N ASP A 59 13.42 0.76 -1.61
CA ASP A 59 13.39 -0.21 -0.55
C ASP A 59 12.31 0.18 0.45
N GLY A 60 11.39 -0.70 0.57
CA GLY A 60 10.22 -0.46 1.34
C GLY A 60 9.93 -1.53 2.36
N GLU A 61 10.45 -2.76 2.17
CA GLU A 61 10.22 -3.84 3.17
C GLU A 61 10.97 -3.51 4.40
N GLU A 62 11.89 -2.64 4.17
CA GLU A 62 12.74 -2.04 5.11
C GLU A 62 11.89 -1.16 6.04
N LEU A 63 10.66 -0.84 5.61
CA LEU A 63 9.67 -0.20 6.46
C LEU A 63 9.01 -1.30 7.23
N ASP A 64 9.30 -1.42 8.50
CA ASP A 64 8.76 -2.51 9.24
C ASP A 64 7.47 -2.12 9.97
N GLN A 65 6.50 -2.96 9.77
CA GLN A 65 5.09 -2.79 10.12
C GLN A 65 4.86 -2.41 11.61
N GLU A 66 5.56 -3.04 12.54
CA GLU A 66 5.32 -2.77 13.95
C GLU A 66 5.98 -1.49 14.39
N LYS A 67 6.94 -1.05 13.62
CA LYS A 67 7.72 0.12 13.96
C LYS A 67 7.08 1.36 13.36
N PHE A 68 5.86 1.18 12.92
CA PHE A 68 5.02 2.25 12.47
C PHE A 68 4.29 2.86 13.66
N VAL A 69 4.03 4.13 13.55
CA VAL A 69 3.36 4.95 14.56
C VAL A 69 2.14 5.41 13.80
N VAL A 70 1.15 5.94 14.39
CA VAL A 70 0.00 6.25 13.56
C VAL A 70 -0.05 7.70 13.04
N ASP A 71 0.06 7.83 11.73
CA ASP A 71 -0.22 9.05 11.01
C ASP A 71 -1.34 8.61 10.08
N GLU A 72 -2.54 8.76 10.59
CA GLU A 72 -3.78 8.13 10.13
C GLU A 72 -4.37 8.67 8.81
N ASN A 73 -3.67 9.56 8.17
CA ASN A 73 -4.10 10.06 6.86
C ASN A 73 -3.84 9.03 5.75
N PHE A 74 -2.92 8.13 6.01
CA PHE A 74 -2.52 7.12 5.06
C PHE A 74 -2.88 5.72 5.49
N THR A 75 -2.69 4.86 4.57
CA THR A 75 -2.91 3.45 4.58
C THR A 75 -1.55 2.82 4.37
N GLU A 76 -1.17 1.81 5.18
CA GLU A 76 0.11 1.20 4.97
C GLU A 76 -0.01 -0.24 4.66
N ASN A 77 0.52 -0.61 3.57
CA ASN A 77 0.40 -1.98 3.19
C ASN A 77 1.72 -2.51 2.66
N TYR A 78 1.97 -3.78 2.90
CA TYR A 78 3.23 -4.41 2.57
C TYR A 78 2.93 -5.69 1.81
N LEU A 79 3.67 -5.91 0.78
CA LEU A 79 3.47 -7.06 -0.09
C LEU A 79 4.68 -7.97 -0.15
N THR A 80 4.53 -9.12 0.40
CA THR A 80 5.48 -10.17 0.22
C THR A 80 4.77 -11.45 -0.21
N ASP A 81 4.94 -11.81 -1.47
CA ASP A 81 4.54 -13.10 -2.01
C ASP A 81 3.07 -13.40 -1.88
N CYS A 82 2.37 -13.03 -2.86
CA CYS A 82 1.02 -13.41 -2.98
C CYS A 82 0.88 -13.71 -4.43
N GLU A 83 1.20 -12.68 -5.23
CA GLU A 83 1.35 -12.73 -6.68
C GLU A 83 0.36 -13.67 -7.39
N GLY A 84 -0.83 -13.20 -7.55
CA GLY A 84 -1.84 -13.97 -8.18
C GLY A 84 -3.18 -13.76 -7.54
N LYS A 85 -3.52 -12.51 -7.31
CA LYS A 85 -4.83 -12.16 -6.80
C LYS A 85 -5.83 -12.31 -7.95
N ASP A 86 -6.22 -13.52 -8.07
CA ASP A 86 -7.11 -14.06 -9.06
C ASP A 86 -7.55 -15.36 -8.45
N ALA A 87 -6.54 -16.11 -8.02
CA ALA A 87 -6.75 -17.29 -7.23
C ALA A 87 -7.05 -16.80 -5.83
N GLY A 88 -6.18 -15.92 -5.34
CA GLY A 88 -6.40 -15.29 -4.07
C GLY A 88 -7.41 -14.18 -4.23
N ASN A 89 -8.27 -13.99 -3.25
CA ASN A 89 -9.35 -13.03 -3.37
C ASN A 89 -9.18 -11.88 -2.38
N ALA A 90 -8.14 -11.94 -1.58
CA ALA A 90 -7.91 -10.94 -0.56
C ALA A 90 -7.58 -9.56 -1.13
N ALA A 91 -8.21 -8.57 -0.61
CA ALA A 91 -7.96 -7.20 -0.96
C ALA A 91 -6.97 -6.66 0.06
N GLY A 92 -5.89 -6.06 -0.41
CA GLY A 92 -4.82 -5.71 0.51
C GLY A 92 -4.58 -4.24 0.71
N THR A 93 -5.54 -3.42 0.36
CA THR A 93 -5.38 -2.00 0.51
C THR A 93 -6.19 -1.52 1.70
N GLY A 94 -5.76 -0.45 2.37
CA GLY A 94 -6.63 0.10 3.37
C GLY A 94 -7.52 1.16 2.76
N ASP A 95 -7.33 1.44 1.47
CA ASP A 95 -8.09 2.49 0.83
C ASP A 95 -9.28 1.98 0.01
N GLU A 96 -9.05 1.41 -1.17
CA GLU A 96 -10.19 1.12 -2.05
C GLU A 96 -10.72 -0.33 -1.94
N SER A 97 -10.31 -1.06 -0.92
CA SER A 97 -10.83 -2.41 -0.70
C SER A 97 -12.34 -2.40 -0.44
N ASP A 98 -13.08 -2.82 -1.44
CA ASP A 98 -14.52 -2.91 -1.38
C ASP A 98 -14.93 -4.25 -1.90
N GLU A 99 -16.19 -4.55 -1.87
CA GLU A 99 -16.66 -5.82 -2.35
C GLU A 99 -17.60 -5.65 -3.53
N VAL A 100 -18.52 -4.72 -3.43
CA VAL A 100 -19.48 -4.49 -4.49
C VAL A 100 -19.45 -3.06 -5.04
N ASP A 101 -18.39 -2.78 -5.76
CA ASP A 101 -18.16 -1.55 -6.54
C ASP A 101 -18.21 -0.25 -5.73
N GLU A 102 -17.02 0.24 -5.35
CA GLU A 102 -16.81 1.53 -4.66
C GLU A 102 -17.35 1.54 -3.20
N ASP A 103 -17.87 0.41 -2.77
CA ASP A 103 -18.46 0.24 -1.43
C ASP A 103 -19.69 1.12 -1.26
N GLU A 1 -2.04 -6.58 -17.35
CA GLU A 1 -2.63 -7.60 -16.49
C GLU A 1 -3.72 -7.00 -15.66
N GLU A 2 -4.89 -7.62 -15.63
CA GLU A 2 -5.98 -7.10 -14.82
C GLU A 2 -6.03 -7.86 -13.51
N ARG A 3 -4.95 -7.76 -12.83
CA ARG A 3 -4.73 -8.34 -11.54
C ARG A 3 -3.81 -7.44 -10.83
N GLU A 4 -3.82 -7.49 -9.55
CA GLU A 4 -3.01 -6.63 -8.80
C GLU A 4 -2.12 -7.48 -7.96
N ASP A 5 -1.10 -6.87 -7.41
CA ASP A 5 -0.36 -7.57 -6.38
C ASP A 5 -1.19 -7.42 -5.10
N CYS A 6 -1.22 -8.42 -4.27
CA CYS A 6 -2.00 -8.31 -3.05
C CYS A 6 -1.27 -7.62 -1.95
N TRP A 7 -1.87 -6.60 -1.41
CA TRP A 7 -1.26 -5.88 -0.34
C TRP A 7 -2.00 -6.29 0.90
N THR A 8 -1.30 -6.41 1.96
CA THR A 8 -1.83 -6.82 3.21
C THR A 8 -1.98 -5.61 4.09
N PHE A 9 -3.17 -5.38 4.56
CA PHE A 9 -3.40 -4.27 5.39
C PHE A 9 -3.17 -4.61 6.85
N TYR A 10 -2.34 -3.82 7.49
CA TYR A 10 -2.12 -3.99 8.91
C TYR A 10 -2.98 -3.00 9.67
N ALA A 11 -2.80 -1.71 9.37
CA ALA A 11 -3.49 -0.64 10.07
C ALA A 11 -3.07 0.63 9.43
N ASN A 12 -3.78 1.70 9.66
CA ASN A 12 -3.28 2.92 9.15
C ASN A 12 -2.29 3.34 10.17
N ARG A 13 -1.06 3.40 9.75
CA ARG A 13 0.03 3.68 10.61
C ARG A 13 1.11 4.26 9.73
N LYS A 14 2.09 4.98 10.27
CA LYS A 14 3.16 5.52 9.44
C LYS A 14 4.38 5.92 10.25
N TYR A 15 5.51 5.59 9.76
CA TYR A 15 6.68 6.22 10.24
C TYR A 15 6.79 7.42 9.34
N THR A 16 6.41 8.56 9.90
CA THR A 16 6.32 9.85 9.24
C THR A 16 7.62 10.29 8.54
N ASP A 17 7.91 9.61 7.49
CA ASP A 17 9.03 9.84 6.63
C ASP A 17 8.64 9.40 5.23
N PHE A 18 8.84 10.25 4.28
CA PHE A 18 8.52 9.93 2.90
C PHE A 18 9.77 10.04 2.04
N ASP A 19 10.92 9.96 2.71
CA ASP A 19 12.26 10.03 2.08
C ASP A 19 12.56 8.75 1.35
N LYS A 20 11.85 7.71 1.75
CA LYS A 20 12.00 6.34 1.25
C LYS A 20 11.78 6.22 -0.27
N SER A 21 11.22 7.29 -0.86
CA SER A 21 10.98 7.43 -2.30
C SER A 21 9.71 6.77 -2.79
N PHE A 22 8.68 7.59 -2.79
CA PHE A 22 7.36 7.18 -3.18
C PHE A 22 6.88 8.18 -4.17
N LYS A 23 6.12 7.76 -5.10
CA LYS A 23 5.59 8.67 -6.08
C LYS A 23 4.08 8.66 -5.98
N LYS A 24 3.45 9.78 -6.26
CA LYS A 24 2.01 9.89 -6.14
C LYS A 24 1.33 10.33 -7.41
N SER A 25 0.42 9.53 -7.80
CA SER A 25 -0.54 9.81 -8.80
C SER A 25 -1.69 8.94 -8.39
N SER A 26 -2.90 9.43 -8.32
CA SER A 26 -3.91 8.53 -7.89
C SER A 26 -4.53 7.87 -9.11
N ASP A 27 -4.03 6.69 -9.36
CA ASP A 27 -4.48 5.82 -10.42
C ASP A 27 -4.66 4.48 -9.87
N LEU A 28 -5.83 3.95 -9.88
CA LEU A 28 -5.99 2.63 -9.32
C LEU A 28 -5.28 1.62 -10.21
N ASP A 29 -5.55 1.67 -11.50
CA ASP A 29 -4.87 0.78 -12.45
C ASP A 29 -3.38 1.04 -12.48
N GLU A 30 -3.05 2.32 -12.65
CA GLU A 30 -1.68 2.76 -12.82
C GLU A 30 -0.81 2.48 -11.65
N CYS A 31 -1.32 2.67 -10.47
CA CYS A 31 -0.50 2.42 -9.27
C CYS A 31 0.02 0.98 -9.24
N LYS A 32 -0.83 0.03 -9.54
CA LYS A 32 -0.43 -1.37 -9.52
C LYS A 32 0.57 -1.59 -10.59
N LYS A 33 0.28 -1.02 -11.75
CA LYS A 33 1.12 -1.15 -12.88
C LYS A 33 2.51 -0.54 -12.58
N THR A 34 2.52 0.63 -11.91
CA THR A 34 3.73 1.29 -11.50
C THR A 34 4.50 0.39 -10.57
N CYS A 35 3.77 -0.23 -9.66
CA CYS A 35 4.39 -1.18 -8.76
C CYS A 35 5.02 -2.29 -9.56
N PHE A 36 4.29 -2.88 -10.51
CA PHE A 36 4.73 -4.07 -11.22
C PHE A 36 5.95 -3.76 -11.99
N LYS A 37 5.98 -2.58 -12.52
CA LYS A 37 7.10 -2.17 -13.26
C LYS A 37 8.43 -2.15 -12.52
N THR A 38 8.52 -1.64 -11.21
CA THR A 38 9.91 -1.50 -10.76
C THR A 38 10.65 -2.90 -10.46
N GLU A 39 11.61 -2.97 -9.53
CA GLU A 39 12.04 -4.22 -8.95
C GLU A 39 11.15 -4.72 -7.90
N TYR A 40 11.06 -3.80 -7.00
CA TYR A 40 10.61 -4.00 -5.67
C TYR A 40 9.20 -4.38 -5.56
N CYS A 41 8.37 -3.86 -6.49
CA CYS A 41 6.84 -3.95 -6.39
C CYS A 41 6.30 -4.60 -5.09
N TYR A 42 6.04 -3.80 -4.02
CA TYR A 42 5.48 -4.40 -2.80
C TYR A 42 4.91 -3.45 -1.74
N ILE A 43 5.28 -2.16 -1.69
CA ILE A 43 4.75 -1.39 -0.56
C ILE A 43 4.02 -0.22 -1.11
N VAL A 44 2.89 0.10 -0.56
CA VAL A 44 2.13 1.22 -1.05
C VAL A 44 1.62 2.00 0.15
N PHE A 45 1.65 3.28 0.07
CA PHE A 45 1.12 4.12 1.11
C PHE A 45 0.01 4.93 0.49
N GLU A 46 -1.11 4.96 1.09
CA GLU A 46 -2.17 5.74 0.49
C GLU A 46 -2.75 6.65 1.50
N ASP A 47 -3.29 7.72 1.06
CA ASP A 47 -3.92 8.68 1.93
C ASP A 47 -5.40 8.35 1.93
N THR A 48 -5.97 8.15 3.09
CA THR A 48 -7.36 7.75 3.17
C THR A 48 -8.30 8.95 3.20
N VAL A 49 -7.79 10.10 3.57
CA VAL A 49 -8.62 11.30 3.68
C VAL A 49 -8.77 11.93 2.30
N ASN A 50 -7.69 12.04 1.64
CA ASN A 50 -7.58 12.67 0.35
C ASN A 50 -7.76 11.67 -0.76
N LYS A 51 -7.51 10.41 -0.44
CA LYS A 51 -7.49 9.33 -1.44
C LYS A 51 -6.41 9.60 -2.46
N GLU A 52 -5.21 9.53 -1.99
CA GLU A 52 -4.05 9.78 -2.78
C GLU A 52 -3.19 8.55 -2.74
N CYS A 53 -2.52 8.26 -3.83
CA CYS A 53 -1.82 7.01 -3.93
C CYS A 53 -0.35 7.26 -3.99
N TYR A 54 0.38 6.67 -3.08
CA TYR A 54 1.81 6.75 -3.09
C TYR A 54 2.30 5.35 -3.17
N TYR A 55 3.12 5.12 -4.08
CA TYR A 55 3.63 3.81 -4.28
C TYR A 55 5.07 3.74 -3.94
N ASN A 56 5.44 2.77 -3.12
CA ASN A 56 6.84 2.63 -2.74
C ASN A 56 7.56 1.96 -3.82
N VAL A 57 8.57 2.65 -4.31
CA VAL A 57 9.28 2.19 -5.47
C VAL A 57 10.64 1.63 -5.11
N VAL A 58 10.98 1.70 -3.84
CA VAL A 58 12.28 1.20 -3.39
C VAL A 58 12.03 0.06 -2.38
N ASP A 59 13.08 -0.42 -1.77
CA ASP A 59 13.01 -1.45 -0.76
C ASP A 59 12.19 -0.95 0.38
N GLY A 60 11.15 -1.61 0.61
CA GLY A 60 10.24 -1.25 1.61
C GLY A 60 9.93 -2.39 2.50
N GLU A 61 10.60 -3.52 2.27
CA GLU A 61 10.50 -4.66 3.18
C GLU A 61 11.20 -4.27 4.48
N GLU A 62 12.06 -3.26 4.33
CA GLU A 62 12.76 -2.66 5.40
C GLU A 62 11.82 -1.76 6.20
N LEU A 63 10.64 -1.48 5.66
CA LEU A 63 9.68 -0.70 6.40
C LEU A 63 9.00 -1.62 7.40
N ASP A 64 9.40 -1.49 8.65
CA ASP A 64 8.92 -2.37 9.69
C ASP A 64 7.67 -1.78 10.29
N GLN A 65 6.63 -2.52 10.17
CA GLN A 65 5.29 -2.09 10.50
C GLN A 65 5.09 -1.85 11.99
N GLU A 66 5.80 -2.58 12.81
CA GLU A 66 5.52 -2.47 14.21
C GLU A 66 6.34 -1.36 14.89
N LYS A 67 7.30 -0.80 14.17
CA LYS A 67 8.07 0.35 14.69
C LYS A 67 7.55 1.63 14.06
N PHE A 68 6.49 1.45 13.33
CA PHE A 68 5.72 2.48 12.72
C PHE A 68 4.80 3.09 13.77
N VAL A 69 4.47 4.35 13.62
CA VAL A 69 3.70 5.08 14.63
C VAL A 69 2.42 5.45 13.94
N VAL A 70 1.33 5.49 14.60
CA VAL A 70 0.10 5.66 13.87
C VAL A 70 -0.13 7.07 13.31
N ASP A 71 -0.14 7.16 11.99
CA ASP A 71 -0.61 8.32 11.32
C ASP A 71 -1.94 7.91 10.78
N GLU A 72 -2.94 8.67 11.06
CA GLU A 72 -4.29 8.23 10.77
C GLU A 72 -4.75 8.62 9.37
N ASN A 73 -4.02 9.49 8.73
CA ASN A 73 -4.46 9.98 7.42
C ASN A 73 -3.92 9.12 6.30
N PHE A 74 -2.84 8.43 6.56
CA PHE A 74 -2.31 7.49 5.61
C PHE A 74 -2.62 6.06 6.00
N THR A 75 -2.57 5.18 5.03
CA THR A 75 -2.85 3.78 5.18
C THR A 75 -1.58 3.06 4.86
N GLU A 76 -1.23 2.02 5.61
CA GLU A 76 -0.07 1.31 5.25
C GLU A 76 -0.53 -0.03 4.77
N ASN A 77 -0.19 -0.37 3.56
CA ASN A 77 -0.59 -1.59 3.02
C ASN A 77 0.57 -2.15 2.22
N TYR A 78 1.02 -3.31 2.64
CA TYR A 78 2.26 -3.89 2.14
C TYR A 78 2.10 -5.37 1.86
N LEU A 79 2.79 -5.86 0.87
CA LEU A 79 2.72 -7.28 0.55
C LEU A 79 3.52 -8.13 1.54
N THR A 80 2.81 -8.80 2.40
CA THR A 80 3.41 -9.75 3.29
C THR A 80 2.65 -11.09 3.22
N ASP A 81 3.38 -12.18 3.02
CA ASP A 81 2.84 -13.57 3.09
C ASP A 81 1.75 -13.86 2.04
N CYS A 82 1.75 -13.11 0.96
CA CYS A 82 0.72 -13.29 -0.05
C CYS A 82 1.34 -13.46 -1.44
N GLU A 83 2.68 -13.37 -1.46
CA GLU A 83 3.58 -13.46 -2.64
C GLU A 83 3.34 -12.41 -3.74
N GLY A 84 2.12 -11.94 -3.91
CA GLY A 84 1.92 -10.80 -4.75
C GLY A 84 0.91 -10.95 -5.86
N LYS A 85 1.43 -11.06 -7.05
CA LYS A 85 0.65 -10.98 -8.26
C LYS A 85 -0.11 -12.27 -8.55
N ASP A 86 -1.36 -12.28 -8.14
CA ASP A 86 -2.29 -13.38 -8.39
C ASP A 86 -3.62 -13.04 -7.77
N ALA A 87 -3.57 -12.71 -6.49
CA ALA A 87 -4.77 -12.39 -5.74
C ALA A 87 -5.30 -11.02 -6.13
N GLY A 88 -6.58 -10.84 -6.02
CA GLY A 88 -7.18 -9.59 -6.35
C GLY A 88 -7.13 -8.64 -5.19
N ASN A 89 -6.79 -7.41 -5.46
CA ASN A 89 -6.70 -6.38 -4.45
C ASN A 89 -6.74 -5.03 -5.14
N ALA A 90 -7.92 -4.56 -5.39
CA ALA A 90 -8.07 -3.30 -6.06
C ALA A 90 -7.87 -2.17 -5.11
N ALA A 91 -8.75 -2.03 -4.15
CA ALA A 91 -8.60 -1.02 -3.17
C ALA A 91 -7.77 -1.56 -2.02
N GLY A 92 -6.52 -1.20 -2.00
CA GLY A 92 -5.65 -1.64 -0.93
C GLY A 92 -5.63 -0.64 0.19
N THR A 93 -6.22 0.49 -0.10
CA THR A 93 -6.34 1.59 0.80
C THR A 93 -7.14 1.17 2.03
N GLY A 94 -6.51 1.17 3.18
CA GLY A 94 -7.25 0.95 4.42
C GLY A 94 -8.16 2.12 4.72
N ASP A 95 -9.31 2.11 4.12
CA ASP A 95 -10.31 3.15 4.24
C ASP A 95 -10.77 3.38 5.66
N GLU A 96 -10.56 4.60 6.11
CA GLU A 96 -11.09 5.05 7.37
C GLU A 96 -11.83 6.36 7.15
N SER A 97 -12.17 6.64 5.89
CA SER A 97 -12.91 7.83 5.58
C SER A 97 -14.37 7.48 5.81
N ASP A 98 -14.78 7.68 7.01
CA ASP A 98 -16.08 7.28 7.46
C ASP A 98 -17.03 8.45 7.40
N GLU A 99 -18.30 8.19 7.21
CA GLU A 99 -19.26 9.25 7.10
C GLU A 99 -20.15 9.33 8.36
N VAL A 100 -19.74 8.62 9.39
CA VAL A 100 -20.41 8.59 10.69
C VAL A 100 -21.77 7.91 10.60
N ASP A 101 -21.73 6.57 10.68
CA ASP A 101 -22.93 5.69 10.68
C ASP A 101 -23.61 5.59 9.30
N GLU A 102 -23.54 6.68 8.54
CA GLU A 102 -24.14 6.77 7.22
C GLU A 102 -23.43 5.88 6.22
N ASP A 103 -22.09 5.96 6.19
CA ASP A 103 -21.26 5.25 5.20
C ASP A 103 -21.63 5.66 3.80
N GLU A 1 -9.87 -7.30 -17.26
CA GLU A 1 -9.32 -7.83 -16.02
C GLU A 1 -8.92 -6.67 -15.12
N GLU A 2 -8.35 -7.00 -13.98
CA GLU A 2 -7.93 -6.01 -13.00
C GLU A 2 -7.05 -6.72 -12.00
N ARG A 3 -5.77 -6.58 -12.15
CA ARG A 3 -4.87 -7.26 -11.28
C ARG A 3 -4.14 -6.27 -10.46
N GLU A 4 -4.10 -6.56 -9.21
CA GLU A 4 -3.47 -5.73 -8.24
C GLU A 4 -2.51 -6.61 -7.49
N ASP A 5 -1.52 -6.05 -6.86
CA ASP A 5 -0.56 -6.86 -6.10
C ASP A 5 -1.24 -7.28 -4.78
N CYS A 6 -0.57 -8.00 -3.93
CA CYS A 6 -1.24 -8.48 -2.72
C CYS A 6 -0.78 -7.72 -1.51
N TRP A 7 -1.51 -6.75 -1.09
CA TRP A 7 -1.08 -6.00 0.04
C TRP A 7 -1.99 -6.34 1.20
N THR A 8 -1.41 -6.66 2.30
CA THR A 8 -2.16 -7.01 3.50
C THR A 8 -2.13 -5.83 4.45
N PHE A 9 -3.26 -5.52 5.02
CA PHE A 9 -3.39 -4.37 5.84
C PHE A 9 -2.90 -4.63 7.24
N TYR A 10 -2.01 -3.79 7.70
CA TYR A 10 -1.57 -3.86 9.05
C TYR A 10 -2.37 -2.87 9.89
N ALA A 11 -2.24 -1.57 9.57
CA ALA A 11 -2.90 -0.48 10.29
C ALA A 11 -2.52 0.81 9.60
N ASN A 12 -3.24 1.90 9.84
CA ASN A 12 -2.82 3.14 9.23
C ASN A 12 -1.73 3.68 10.08
N ARG A 13 -0.57 3.80 9.49
CA ARG A 13 0.59 4.29 10.18
C ARG A 13 1.58 4.88 9.22
N LYS A 14 2.53 5.64 9.74
CA LYS A 14 3.62 6.11 8.93
C LYS A 14 4.81 6.53 9.75
N TYR A 15 5.99 6.19 9.31
CA TYR A 15 7.15 6.59 10.04
C TYR A 15 7.57 8.02 9.67
N THR A 16 6.81 8.97 10.19
CA THR A 16 7.06 10.41 10.15
C THR A 16 6.99 11.11 8.78
N ASP A 17 7.61 10.56 7.76
CA ASP A 17 7.66 11.20 6.45
C ASP A 17 7.90 10.14 5.38
N PHE A 18 7.67 10.51 4.15
CA PHE A 18 7.82 9.63 2.98
C PHE A 18 9.26 9.66 2.48
N ASP A 19 10.19 9.78 3.41
CA ASP A 19 11.63 9.87 3.12
C ASP A 19 12.12 8.62 2.39
N LYS A 20 11.41 7.52 2.64
CA LYS A 20 11.71 6.20 2.05
C LYS A 20 11.51 6.14 0.54
N SER A 21 11.00 7.23 -0.05
CA SER A 21 10.84 7.39 -1.50
C SER A 21 9.63 6.64 -2.09
N PHE A 22 8.51 7.34 -2.09
CA PHE A 22 7.26 6.85 -2.61
C PHE A 22 6.80 7.85 -3.64
N LYS A 23 6.22 7.39 -4.70
CA LYS A 23 5.74 8.30 -5.73
C LYS A 23 4.23 8.33 -5.72
N LYS A 24 3.67 9.49 -5.96
CA LYS A 24 2.25 9.67 -5.98
C LYS A 24 1.81 10.47 -7.18
N SER A 25 0.93 9.90 -7.86
CA SER A 25 0.11 10.52 -8.85
C SER A 25 -1.08 9.63 -8.75
N SER A 26 -2.27 10.15 -8.62
CA SER A 26 -3.28 9.23 -8.29
C SER A 26 -4.05 8.72 -9.46
N ASP A 27 -3.64 7.54 -9.79
CA ASP A 27 -4.23 6.65 -10.72
C ASP A 27 -4.29 5.43 -9.93
N LEU A 28 -5.40 5.17 -9.29
CA LEU A 28 -5.48 4.05 -8.36
C LEU A 28 -5.05 2.77 -9.02
N ASP A 29 -5.57 2.53 -10.20
CA ASP A 29 -5.18 1.42 -11.02
C ASP A 29 -3.72 1.45 -11.43
N GLU A 30 -3.28 2.59 -11.97
CA GLU A 30 -1.89 2.73 -12.38
C GLU A 30 -0.94 2.49 -11.26
N CYS A 31 -1.30 2.93 -10.11
CA CYS A 31 -0.45 2.74 -8.93
C CYS A 31 -0.15 1.24 -8.71
N LYS A 32 -1.15 0.38 -8.88
CA LYS A 32 -0.95 -1.09 -8.74
C LYS A 32 0.00 -1.55 -9.77
N LYS A 33 -0.27 -1.08 -10.97
CA LYS A 33 0.48 -1.41 -12.11
C LYS A 33 1.94 -0.96 -11.95
N THR A 34 2.12 0.26 -11.42
CA THR A 34 3.42 0.82 -11.17
C THR A 34 4.14 -0.06 -10.19
N CYS A 35 3.43 -0.53 -9.18
CA CYS A 35 4.05 -1.47 -8.29
C CYS A 35 4.59 -2.73 -8.95
N PHE A 36 3.86 -3.27 -9.89
CA PHE A 36 4.33 -4.44 -10.63
C PHE A 36 5.57 -4.05 -11.40
N LYS A 37 5.60 -2.81 -11.89
CA LYS A 37 6.71 -2.36 -12.68
C LYS A 37 8.11 -2.49 -12.04
N THR A 38 8.45 -1.94 -10.79
CA THR A 38 9.90 -2.17 -10.45
C THR A 38 10.15 -3.69 -10.03
N GLU A 39 11.13 -4.00 -9.11
CA GLU A 39 11.07 -5.08 -8.12
C GLU A 39 10.32 -4.71 -6.90
N TYR A 40 10.85 -3.61 -6.40
CA TYR A 40 10.68 -3.07 -5.08
C TYR A 40 9.31 -2.65 -4.77
N CYS A 41 8.61 -2.23 -5.77
CA CYS A 41 7.32 -1.65 -5.54
C CYS A 41 6.33 -2.74 -5.13
N TYR A 42 6.27 -2.97 -3.85
CA TYR A 42 5.39 -3.96 -3.27
C TYR A 42 4.80 -3.45 -1.95
N ILE A 43 5.09 -2.21 -1.59
CA ILE A 43 4.49 -1.64 -0.40
C ILE A 43 3.78 -0.44 -0.89
N VAL A 44 2.60 -0.21 -0.46
CA VAL A 44 1.91 0.93 -0.94
C VAL A 44 1.24 1.61 0.23
N PHE A 45 1.18 2.91 0.16
CA PHE A 45 0.46 3.65 1.13
C PHE A 45 -0.58 4.41 0.38
N GLU A 46 -1.79 4.33 0.81
CA GLU A 46 -2.83 5.01 0.09
C GLU A 46 -3.56 5.92 1.04
N ASP A 47 -3.82 7.13 0.58
CA ASP A 47 -4.43 8.14 1.41
C ASP A 47 -5.90 7.93 1.44
N THR A 48 -6.45 7.79 2.60
CA THR A 48 -7.84 7.47 2.78
C THR A 48 -8.73 8.72 2.71
N VAL A 49 -8.16 9.88 2.92
CA VAL A 49 -8.96 11.10 2.93
C VAL A 49 -9.20 11.55 1.51
N ASN A 50 -8.13 11.54 0.78
CA ASN A 50 -8.07 12.06 -0.56
C ASN A 50 -8.22 10.96 -1.58
N LYS A 51 -8.00 9.72 -1.16
CA LYS A 51 -7.97 8.57 -2.08
C LYS A 51 -6.81 8.71 -3.06
N GLU A 52 -5.66 9.04 -2.50
CA GLU A 52 -4.43 9.25 -3.27
C GLU A 52 -3.57 8.00 -3.12
N CYS A 53 -2.60 7.78 -3.99
CA CYS A 53 -1.82 6.58 -3.89
C CYS A 53 -0.36 6.87 -3.97
N TYR A 54 0.37 6.39 -2.98
CA TYR A 54 1.79 6.54 -2.96
C TYR A 54 2.34 5.16 -2.96
N TYR A 55 3.17 4.90 -3.85
CA TYR A 55 3.71 3.57 -3.96
C TYR A 55 5.17 3.52 -3.60
N ASN A 56 5.50 2.61 -2.70
CA ASN A 56 6.89 2.40 -2.24
C ASN A 56 7.71 1.81 -3.32
N VAL A 57 8.77 2.52 -3.69
CA VAL A 57 9.59 2.06 -4.82
C VAL A 57 10.95 1.57 -4.39
N VAL A 58 11.23 1.63 -3.12
CA VAL A 58 12.51 1.15 -2.61
C VAL A 58 12.27 -0.15 -1.84
N ASP A 59 13.26 -0.68 -1.20
CA ASP A 59 13.14 -1.91 -0.46
C ASP A 59 12.23 -1.71 0.73
N GLY A 60 11.02 -2.11 0.55
CA GLY A 60 10.01 -1.91 1.49
C GLY A 60 9.82 -3.11 2.33
N GLU A 61 10.54 -4.18 1.99
CA GLU A 61 10.59 -5.38 2.82
C GLU A 61 11.22 -5.01 4.15
N GLU A 62 11.96 -3.91 4.11
CA GLU A 62 12.63 -3.38 5.22
C GLU A 62 11.73 -2.38 5.98
N LEU A 63 10.58 -1.98 5.40
CA LEU A 63 9.68 -1.10 6.17
C LEU A 63 9.11 -1.88 7.33
N ASP A 64 9.51 -1.47 8.51
CA ASP A 64 9.22 -2.19 9.73
C ASP A 64 7.95 -1.59 10.37
N GLN A 65 6.82 -2.26 10.15
CA GLN A 65 5.45 -1.78 10.50
C GLN A 65 5.29 -1.45 11.94
N GLU A 66 5.81 -2.29 12.76
CA GLU A 66 5.58 -2.19 14.16
C GLU A 66 6.45 -1.11 14.80
N LYS A 67 7.34 -0.55 14.00
CA LYS A 67 8.24 0.49 14.44
C LYS A 67 7.82 1.83 13.82
N PHE A 68 6.70 1.76 13.12
CA PHE A 68 6.02 2.87 12.49
C PHE A 68 5.23 3.66 13.53
N VAL A 69 5.05 4.90 13.27
CA VAL A 69 4.35 5.83 14.15
C VAL A 69 3.13 6.20 13.34
N VAL A 70 2.14 6.76 13.88
CA VAL A 70 0.92 6.89 13.08
C VAL A 70 0.66 8.24 12.45
N ASP A 71 0.65 8.26 11.13
CA ASP A 71 0.04 9.35 10.38
C ASP A 71 -1.18 8.76 9.72
N GLU A 72 -2.31 9.10 10.32
CA GLU A 72 -3.65 8.52 10.12
C GLU A 72 -4.19 8.66 8.70
N ASN A 73 -3.72 9.63 7.98
CA ASN A 73 -4.25 9.96 6.66
C ASN A 73 -3.98 8.88 5.60
N PHE A 74 -2.98 8.07 5.82
CA PHE A 74 -2.66 7.00 4.88
C PHE A 74 -2.89 5.68 5.51
N THR A 75 -2.94 4.69 4.69
CA THR A 75 -3.16 3.37 5.11
C THR A 75 -1.92 2.59 4.72
N GLU A 76 -1.38 1.78 5.63
CA GLU A 76 -0.19 1.06 5.33
C GLU A 76 -0.55 -0.36 4.97
N ASN A 77 -0.18 -0.76 3.78
CA ASN A 77 -0.49 -2.09 3.40
C ASN A 77 0.61 -2.65 2.53
N TYR A 78 1.03 -3.85 2.87
CA TYR A 78 2.26 -4.38 2.29
C TYR A 78 2.13 -5.82 1.78
N LEU A 79 2.88 -6.13 0.73
CA LEU A 79 2.89 -7.45 0.09
C LEU A 79 3.34 -8.57 1.01
N THR A 80 2.48 -9.54 1.17
CA THR A 80 2.80 -10.76 1.85
C THR A 80 2.39 -11.99 0.97
N ASP A 81 3.28 -13.01 0.91
CA ASP A 81 3.02 -14.34 0.29
C ASP A 81 3.16 -14.37 -1.21
N CYS A 82 2.24 -13.76 -1.91
CA CYS A 82 2.24 -13.79 -3.35
C CYS A 82 3.21 -12.80 -3.96
N GLU A 83 4.49 -13.14 -3.89
CA GLU A 83 5.53 -12.33 -4.51
C GLU A 83 5.33 -12.35 -6.02
N GLY A 84 4.81 -13.45 -6.51
CA GLY A 84 4.44 -13.56 -7.89
C GLY A 84 2.94 -13.63 -7.94
N LYS A 85 2.32 -12.90 -8.85
CA LYS A 85 0.87 -12.91 -8.92
C LYS A 85 0.34 -13.04 -10.33
N ASP A 86 0.27 -14.26 -10.80
CA ASP A 86 -0.32 -14.56 -12.09
C ASP A 86 -1.82 -14.58 -11.92
N ALA A 87 -2.25 -15.28 -10.90
CA ALA A 87 -3.61 -15.32 -10.50
C ALA A 87 -3.68 -14.87 -9.07
N GLY A 88 -4.16 -13.67 -8.87
CA GLY A 88 -4.27 -13.13 -7.56
C GLY A 88 -4.27 -11.64 -7.59
N ASN A 89 -4.75 -11.04 -6.52
CA ASN A 89 -4.82 -9.60 -6.35
C ASN A 89 -5.35 -9.37 -4.96
N ALA A 90 -4.91 -8.32 -4.30
CA ALA A 90 -5.45 -7.98 -3.00
C ALA A 90 -5.04 -6.57 -2.59
N ALA A 91 -5.85 -5.61 -2.89
CA ALA A 91 -5.59 -4.27 -2.42
C ALA A 91 -6.22 -4.14 -1.05
N GLY A 92 -5.42 -4.27 -0.03
CA GLY A 92 -5.91 -4.30 1.31
C GLY A 92 -5.98 -2.94 1.95
N THR A 93 -6.13 -1.92 1.12
CA THR A 93 -6.21 -0.54 1.52
C THR A 93 -7.21 -0.36 2.68
N GLY A 94 -6.72 0.12 3.84
CA GLY A 94 -7.59 0.31 5.01
C GLY A 94 -8.47 1.55 4.89
N ASP A 95 -9.11 1.68 3.78
CA ASP A 95 -9.97 2.79 3.44
C ASP A 95 -11.41 2.32 3.54
N GLU A 96 -12.34 3.23 3.71
CA GLU A 96 -13.74 2.86 3.81
C GLU A 96 -14.34 2.50 2.46
N SER A 97 -14.05 1.32 2.02
CA SER A 97 -14.62 0.79 0.82
C SER A 97 -15.64 -0.27 1.22
N ASP A 98 -16.88 -0.09 0.81
CA ASP A 98 -17.95 -1.03 1.18
C ASP A 98 -17.94 -2.18 0.20
N GLU A 99 -17.51 -1.86 -1.02
CA GLU A 99 -17.33 -2.80 -2.13
C GLU A 99 -18.66 -3.28 -2.72
N VAL A 100 -19.74 -2.62 -2.35
CA VAL A 100 -21.05 -2.98 -2.88
C VAL A 100 -21.12 -2.53 -4.33
N ASP A 101 -20.89 -1.27 -4.53
CA ASP A 101 -20.84 -0.67 -5.85
C ASP A 101 -19.38 -0.28 -6.09
N GLU A 102 -18.48 -1.20 -5.68
CA GLU A 102 -17.02 -1.01 -5.70
C GLU A 102 -16.58 0.37 -5.22
N ASP A 103 -16.96 0.69 -4.01
CA ASP A 103 -16.71 1.96 -3.39
C ASP A 103 -17.00 1.73 -1.95
N GLU A 1 1.58 -9.71 -15.19
CA GLU A 1 0.59 -9.97 -14.14
C GLU A 1 -0.39 -8.83 -14.18
N GLU A 2 -1.56 -9.08 -14.71
CA GLU A 2 -2.52 -8.04 -14.89
C GLU A 2 -3.64 -8.31 -13.94
N ARG A 3 -3.28 -8.30 -12.70
CA ARG A 3 -4.12 -8.66 -11.62
C ARG A 3 -3.45 -8.11 -10.39
N GLU A 4 -4.15 -7.31 -9.63
CA GLU A 4 -3.60 -6.58 -8.50
C GLU A 4 -2.88 -7.49 -7.51
N ASP A 5 -1.70 -7.04 -7.14
CA ASP A 5 -0.84 -7.72 -6.15
C ASP A 5 -1.51 -7.74 -4.76
N CYS A 6 -1.03 -8.58 -3.87
CA CYS A 6 -1.70 -8.76 -2.60
C CYS A 6 -1.00 -8.01 -1.52
N TRP A 7 -1.55 -6.92 -1.15
CA TRP A 7 -0.97 -6.17 -0.11
C TRP A 7 -1.76 -6.52 1.11
N THR A 8 -1.11 -6.74 2.18
CA THR A 8 -1.76 -7.07 3.38
C THR A 8 -1.77 -5.84 4.24
N PHE A 9 -2.91 -5.56 4.80
CA PHE A 9 -3.07 -4.37 5.53
C PHE A 9 -2.85 -4.61 6.99
N TYR A 10 -2.14 -3.74 7.63
CA TYR A 10 -1.93 -3.90 9.02
C TYR A 10 -2.78 -2.91 9.80
N ALA A 11 -2.60 -1.62 9.57
CA ALA A 11 -3.28 -0.58 10.33
C ALA A 11 -3.05 0.73 9.65
N ASN A 12 -3.78 1.78 9.97
CA ASN A 12 -3.30 2.99 9.34
C ASN A 12 -2.21 3.46 10.28
N ARG A 13 -1.00 3.44 9.79
CA ARG A 13 0.19 3.77 10.54
C ARG A 13 1.23 4.25 9.60
N LYS A 14 2.25 4.88 10.12
CA LYS A 14 3.36 5.26 9.34
C LYS A 14 4.56 5.60 10.18
N TYR A 15 5.69 5.17 9.76
CA TYR A 15 6.87 5.76 10.25
C TYR A 15 7.04 6.90 9.27
N THR A 16 6.61 8.08 9.71
CA THR A 16 6.50 9.27 8.91
C THR A 16 7.80 9.80 8.31
N ASP A 17 8.32 9.03 7.42
CA ASP A 17 9.49 9.35 6.67
C ASP A 17 9.19 9.15 5.20
N PHE A 18 9.06 10.25 4.49
CA PHE A 18 8.79 10.19 3.06
C PHE A 18 10.06 10.34 2.25
N ASP A 19 11.17 10.22 2.95
CA ASP A 19 12.50 10.27 2.35
C ASP A 19 12.80 8.95 1.67
N LYS A 20 12.03 7.94 2.09
CA LYS A 20 12.14 6.57 1.57
C LYS A 20 11.90 6.50 0.05
N SER A 21 11.33 7.58 -0.52
CA SER A 21 11.10 7.76 -1.96
C SER A 21 9.85 7.04 -2.49
N PHE A 22 8.80 7.82 -2.59
CA PHE A 22 7.52 7.35 -3.04
C PHE A 22 7.11 8.19 -4.19
N LYS A 23 6.26 7.69 -5.04
CA LYS A 23 5.77 8.45 -6.15
C LYS A 23 4.27 8.49 -6.09
N LYS A 24 3.71 9.61 -6.46
CA LYS A 24 2.28 9.80 -6.44
C LYS A 24 1.76 10.15 -7.80
N SER A 25 0.79 9.42 -8.16
CA SER A 25 -0.04 9.66 -9.29
C SER A 25 -1.31 9.01 -8.85
N SER A 26 -2.46 9.62 -8.92
CA SER A 26 -3.54 8.87 -8.44
C SER A 26 -4.27 8.25 -9.59
N ASP A 27 -3.88 7.03 -9.81
CA ASP A 27 -4.47 6.10 -10.72
C ASP A 27 -4.56 4.84 -9.97
N LEU A 28 -5.70 4.53 -9.40
CA LEU A 28 -5.81 3.34 -8.57
C LEU A 28 -5.34 2.10 -9.34
N ASP A 29 -5.80 1.97 -10.56
CA ASP A 29 -5.41 0.88 -11.46
C ASP A 29 -3.93 0.92 -11.78
N GLU A 30 -3.46 2.09 -12.19
CA GLU A 30 -2.07 2.29 -12.55
C GLU A 30 -1.13 2.02 -11.44
N CYS A 31 -1.48 2.40 -10.24
CA CYS A 31 -0.62 2.18 -9.08
C CYS A 31 -0.25 0.69 -8.94
N LYS A 32 -1.22 -0.21 -9.17
CA LYS A 32 -0.93 -1.66 -9.05
C LYS A 32 0.06 -2.02 -10.07
N LYS A 33 -0.21 -1.50 -11.26
CA LYS A 33 0.58 -1.78 -12.40
C LYS A 33 2.02 -1.29 -12.15
N THR A 34 2.15 -0.03 -11.65
CA THR A 34 3.42 0.55 -11.35
C THR A 34 4.11 -0.26 -10.31
N CYS A 35 3.36 -0.67 -9.31
CA CYS A 35 3.91 -1.48 -8.29
C CYS A 35 4.48 -2.82 -8.72
N PHE A 36 3.79 -3.52 -9.63
CA PHE A 36 4.34 -4.79 -10.16
C PHE A 36 5.60 -4.43 -10.91
N LYS A 37 5.54 -3.28 -11.59
CA LYS A 37 6.59 -2.86 -12.45
C LYS A 37 7.99 -2.78 -11.86
N THR A 38 8.28 -2.09 -10.69
CA THR A 38 9.71 -2.12 -10.37
C THR A 38 10.15 -3.56 -9.84
N GLU A 39 11.15 -3.69 -8.96
CA GLU A 39 11.27 -4.75 -7.97
C GLU A 39 10.47 -4.47 -6.78
N TYR A 40 10.84 -3.30 -6.35
CA TYR A 40 10.65 -2.74 -5.07
C TYR A 40 9.27 -2.52 -4.67
N CYS A 41 8.39 -2.23 -5.60
CA CYS A 41 7.08 -1.76 -5.10
C CYS A 41 6.21 -2.83 -4.47
N TYR A 42 6.40 -2.98 -3.19
CA TYR A 42 5.60 -3.82 -2.35
C TYR A 42 5.12 -3.05 -1.15
N ILE A 43 5.31 -1.72 -1.15
CA ILE A 43 4.74 -0.90 -0.09
C ILE A 43 3.95 0.17 -0.76
N VAL A 44 2.79 0.42 -0.31
CA VAL A 44 2.01 1.47 -0.84
C VAL A 44 1.41 2.22 0.34
N PHE A 45 1.24 3.51 0.20
CA PHE A 45 0.59 4.29 1.19
C PHE A 45 -0.49 5.08 0.51
N GLU A 46 -1.67 5.05 1.03
CA GLU A 46 -2.72 5.80 0.40
C GLU A 46 -3.30 6.78 1.36
N ASP A 47 -3.60 7.96 0.89
CA ASP A 47 -4.19 8.96 1.75
C ASP A 47 -5.68 8.82 1.65
N THR A 48 -6.33 8.54 2.76
CA THR A 48 -7.75 8.27 2.79
C THR A 48 -8.57 9.56 2.68
N VAL A 49 -7.97 10.66 3.04
CA VAL A 49 -8.66 11.93 3.11
C VAL A 49 -8.74 12.53 1.71
N ASN A 50 -7.64 12.46 1.04
CA ASN A 50 -7.45 13.03 -0.26
C ASN A 50 -7.67 12.01 -1.35
N LYS A 51 -7.65 10.73 -0.97
CA LYS A 51 -7.79 9.59 -1.91
C LYS A 51 -6.62 9.59 -2.90
N GLU A 52 -5.45 9.89 -2.38
CA GLU A 52 -4.24 9.98 -3.18
C GLU A 52 -3.44 8.69 -3.09
N CYS A 53 -2.52 8.47 -4.01
CA CYS A 53 -1.84 7.21 -4.08
C CYS A 53 -0.36 7.44 -4.07
N TYR A 54 0.32 6.90 -3.10
CA TYR A 54 1.75 6.94 -3.07
C TYR A 54 2.22 5.54 -3.05
N TYR A 55 3.06 5.22 -3.93
CA TYR A 55 3.55 3.89 -4.03
C TYR A 55 5.04 3.86 -3.78
N ASN A 56 5.45 2.99 -2.88
CA ASN A 56 6.88 2.86 -2.48
C ASN A 56 7.67 2.21 -3.55
N VAL A 57 8.64 2.97 -4.04
CA VAL A 57 9.41 2.52 -5.21
C VAL A 57 10.81 2.05 -4.84
N VAL A 58 11.12 2.10 -3.56
CA VAL A 58 12.42 1.65 -3.09
C VAL A 58 12.18 0.48 -2.14
N ASP A 59 13.21 0.00 -1.51
CA ASP A 59 13.11 -1.16 -0.66
C ASP A 59 12.29 -0.83 0.56
N GLY A 60 11.16 -1.39 0.57
CA GLY A 60 10.23 -1.18 1.60
C GLY A 60 10.14 -2.35 2.52
N GLU A 61 11.04 -3.30 2.34
CA GLU A 61 11.15 -4.37 3.30
C GLU A 61 11.72 -3.74 4.55
N GLU A 62 12.53 -2.72 4.31
CA GLU A 62 13.04 -1.88 5.35
C GLU A 62 11.92 -1.13 6.06
N LEU A 63 10.75 -1.04 5.45
CA LEU A 63 9.66 -0.46 6.15
C LEU A 63 9.07 -1.54 7.00
N ASP A 64 9.36 -1.47 8.27
CA ASP A 64 8.96 -2.50 9.16
C ASP A 64 7.62 -2.17 9.78
N GLN A 65 6.67 -2.95 9.37
CA GLN A 65 5.25 -2.81 9.64
C GLN A 65 4.88 -2.63 11.13
N GLU A 66 5.51 -3.39 12.02
CA GLU A 66 5.13 -3.31 13.43
C GLU A 66 5.71 -2.09 14.11
N LYS A 67 6.75 -1.54 13.52
CA LYS A 67 7.47 -0.42 14.15
C LYS A 67 6.99 0.91 13.59
N PHE A 68 5.88 0.85 12.91
CA PHE A 68 5.20 2.01 12.40
C PHE A 68 4.40 2.70 13.50
N VAL A 69 4.26 4.00 13.40
CA VAL A 69 3.62 4.83 14.43
C VAL A 69 2.41 5.40 13.75
N VAL A 70 1.43 5.86 14.43
CA VAL A 70 0.21 6.19 13.70
C VAL A 70 0.18 7.55 12.97
N ASP A 71 0.13 7.44 11.64
CA ASP A 71 -0.25 8.49 10.74
C ASP A 71 -1.60 8.05 10.22
N GLU A 72 -2.62 8.76 10.62
CA GLU A 72 -4.01 8.38 10.39
C GLU A 72 -4.50 8.74 9.00
N ASN A 73 -3.95 9.78 8.43
CA ASN A 73 -4.42 10.23 7.12
C ASN A 73 -4.05 9.29 5.96
N PHE A 74 -3.11 8.40 6.21
CA PHE A 74 -2.73 7.42 5.20
C PHE A 74 -2.94 6.00 5.74
N THR A 75 -2.88 5.06 4.84
CA THR A 75 -3.07 3.64 5.10
C THR A 75 -1.76 2.94 4.75
N GLU A 76 -1.31 1.96 5.57
CA GLU A 76 -0.06 1.29 5.28
C GLU A 76 -0.29 -0.12 4.86
N ASN A 77 0.20 -0.46 3.72
CA ASN A 77 -0.02 -1.78 3.24
C ASN A 77 1.29 -2.36 2.67
N TYR A 78 1.54 -3.64 2.95
CA TYR A 78 2.78 -4.31 2.54
C TYR A 78 2.50 -5.70 2.00
N LEU A 79 3.21 -6.07 0.96
CA LEU A 79 3.09 -7.40 0.35
C LEU A 79 3.85 -8.45 1.14
N THR A 80 3.14 -9.31 1.80
CA THR A 80 3.76 -10.42 2.44
C THR A 80 3.08 -11.74 2.02
N ASP A 81 3.87 -12.64 1.46
CA ASP A 81 3.45 -14.02 1.10
C ASP A 81 2.18 -14.11 0.23
N CYS A 82 2.32 -13.75 -1.01
CA CYS A 82 1.26 -13.88 -2.00
C CYS A 82 1.90 -13.71 -3.37
N GLU A 83 3.10 -14.20 -3.48
CA GLU A 83 3.87 -14.07 -4.69
C GLU A 83 3.33 -14.98 -5.79
N GLY A 84 3.25 -14.44 -6.97
CA GLY A 84 2.68 -15.15 -8.10
C GLY A 84 1.58 -14.33 -8.73
N LYS A 85 0.88 -13.60 -7.86
CA LYS A 85 -0.23 -12.67 -8.22
C LYS A 85 -1.40 -13.45 -8.82
N ASP A 86 -1.59 -14.65 -8.31
CA ASP A 86 -2.67 -15.53 -8.76
C ASP A 86 -3.85 -15.47 -7.80
N ALA A 87 -3.74 -14.66 -6.79
CA ALA A 87 -4.82 -14.44 -5.86
C ALA A 87 -5.50 -13.14 -6.23
N GLY A 88 -6.80 -13.10 -6.13
CA GLY A 88 -7.53 -11.93 -6.54
C GLY A 88 -7.64 -10.88 -5.46
N ASN A 89 -6.53 -10.43 -4.94
CA ASN A 89 -6.53 -9.36 -3.97
C ASN A 89 -6.64 -8.07 -4.70
N ALA A 90 -7.77 -7.44 -4.61
CA ALA A 90 -8.00 -6.24 -5.35
C ALA A 90 -7.33 -5.03 -4.70
N ALA A 91 -7.49 -4.91 -3.40
CA ALA A 91 -6.92 -3.80 -2.70
C ALA A 91 -5.93 -4.25 -1.64
N GLY A 92 -6.43 -4.60 -0.46
CA GLY A 92 -5.58 -4.97 0.64
C GLY A 92 -4.97 -3.74 1.25
N THR A 93 -5.73 -2.67 1.21
CA THR A 93 -5.28 -1.40 1.65
C THR A 93 -6.45 -0.60 2.16
N GLY A 94 -6.19 0.22 3.18
CA GLY A 94 -7.25 1.00 3.79
C GLY A 94 -8.22 0.14 4.56
N ASP A 95 -9.27 -0.28 3.88
CA ASP A 95 -10.33 -1.11 4.42
C ASP A 95 -10.99 -0.51 5.66
N GLU A 96 -10.54 -0.93 6.86
CA GLU A 96 -11.09 -0.49 8.15
C GLU A 96 -12.62 -0.68 8.21
N SER A 97 -13.33 0.36 7.90
CA SER A 97 -14.76 0.45 7.85
C SER A 97 -15.02 1.78 7.20
N ASP A 98 -16.26 2.10 6.90
CA ASP A 98 -16.56 3.41 6.37
C ASP A 98 -16.65 4.37 7.51
N GLU A 99 -15.51 4.83 7.95
CA GLU A 99 -15.43 5.73 9.06
C GLU A 99 -15.81 7.11 8.60
N VAL A 100 -16.99 7.53 9.00
CA VAL A 100 -17.46 8.86 8.71
C VAL A 100 -17.81 9.57 10.01
N ASP A 101 -16.96 10.52 10.37
CA ASP A 101 -17.07 11.38 11.57
C ASP A 101 -16.72 10.65 12.86
N GLU A 102 -17.19 9.44 12.99
CA GLU A 102 -16.90 8.62 14.15
C GLU A 102 -16.55 7.18 13.77
N ASP A 103 -17.34 6.61 12.88
CA ASP A 103 -17.17 5.25 12.38
C ASP A 103 -18.33 5.01 11.47
N GLU A 1 1.31 -4.99 -16.52
CA GLU A 1 0.21 -5.81 -16.03
C GLU A 1 -0.82 -4.91 -15.42
N GLU A 2 -2.06 -5.34 -15.41
CA GLU A 2 -3.12 -4.51 -14.90
C GLU A 2 -4.05 -5.33 -14.01
N ARG A 3 -3.84 -5.22 -12.73
CA ARG A 3 -4.59 -5.90 -11.68
C ARG A 3 -4.24 -5.20 -10.41
N GLU A 4 -4.84 -5.59 -9.33
CA GLU A 4 -4.36 -5.18 -8.04
C GLU A 4 -4.05 -6.43 -7.33
N ASP A 5 -2.90 -6.54 -6.78
CA ASP A 5 -2.57 -7.75 -6.08
C ASP A 5 -3.05 -7.62 -4.64
N CYS A 6 -2.87 -8.63 -3.85
CA CYS A 6 -3.37 -8.57 -2.50
C CYS A 6 -2.35 -8.15 -1.54
N TRP A 7 -2.55 -7.00 -1.03
CA TRP A 7 -1.66 -6.47 -0.09
C TRP A 7 -2.28 -6.69 1.26
N THR A 8 -1.48 -6.84 2.22
CA THR A 8 -1.94 -7.15 3.53
C THR A 8 -1.95 -5.89 4.36
N PHE A 9 -3.07 -5.65 5.02
CA PHE A 9 -3.24 -4.47 5.79
C PHE A 9 -2.83 -4.73 7.21
N TYR A 10 -2.03 -3.86 7.76
CA TYR A 10 -1.68 -4.00 9.14
C TYR A 10 -2.34 -2.91 9.99
N ALA A 11 -2.10 -1.66 9.64
CA ALA A 11 -2.49 -0.54 10.46
C ALA A 11 -2.32 0.74 9.68
N ASN A 12 -2.87 1.82 10.18
CA ASN A 12 -2.62 3.10 9.53
C ASN A 12 -1.25 3.50 10.06
N ARG A 13 -0.28 3.72 9.17
CA ARG A 13 1.12 3.87 9.63
C ARG A 13 2.03 4.76 8.77
N LYS A 14 2.98 5.41 9.49
CA LYS A 14 4.25 6.09 8.97
C LYS A 14 5.27 6.20 10.04
N TYR A 15 6.51 6.05 9.67
CA TYR A 15 7.57 6.35 10.57
C TYR A 15 8.01 7.81 10.31
N THR A 16 7.02 8.69 10.30
CA THR A 16 7.13 10.13 10.16
C THR A 16 7.68 10.69 8.81
N ASP A 17 8.78 10.17 8.31
CA ASP A 17 9.43 10.80 7.18
C ASP A 17 9.40 9.95 5.92
N PHE A 18 9.20 10.62 4.81
CA PHE A 18 9.13 10.03 3.47
C PHE A 18 10.48 10.02 2.70
N ASP A 19 11.62 10.04 3.41
CA ASP A 19 12.99 9.95 2.77
C ASP A 19 13.09 8.69 1.90
N LYS A 20 12.30 7.74 2.26
CA LYS A 20 12.16 6.45 1.64
C LYS A 20 11.60 6.51 0.20
N SER A 21 11.21 7.72 -0.25
CA SER A 21 10.87 8.03 -1.64
C SER A 21 9.65 7.27 -2.22
N PHE A 22 8.54 7.96 -2.25
CA PHE A 22 7.30 7.43 -2.76
C PHE A 22 6.85 8.30 -3.91
N LYS A 23 6.09 7.74 -4.80
CA LYS A 23 5.57 8.50 -5.91
C LYS A 23 4.06 8.56 -5.78
N LYS A 24 3.48 9.70 -6.11
CA LYS A 24 2.06 9.88 -6.00
C LYS A 24 1.44 10.27 -7.30
N SER A 25 0.56 9.45 -7.72
CA SER A 25 -0.33 9.68 -8.79
C SER A 25 -1.51 8.83 -8.45
N SER A 26 -2.73 9.32 -8.50
CA SER A 26 -3.76 8.44 -8.06
C SER A 26 -4.36 7.72 -9.24
N ASP A 27 -3.87 6.53 -9.42
CA ASP A 27 -4.26 5.61 -10.44
C ASP A 27 -4.47 4.31 -9.81
N LEU A 28 -5.68 3.82 -9.74
CA LEU A 28 -5.87 2.56 -9.07
C LEU A 28 -5.22 1.45 -9.90
N ASP A 29 -5.49 1.43 -11.19
CA ASP A 29 -4.86 0.45 -12.06
C ASP A 29 -3.37 0.68 -12.11
N GLU A 30 -3.02 1.93 -12.39
CA GLU A 30 -1.66 2.32 -12.61
C GLU A 30 -0.74 2.17 -11.44
N CYS A 31 -1.20 2.50 -10.27
CA CYS A 31 -0.37 2.34 -9.07
C CYS A 31 0.06 0.90 -8.89
N LYS A 32 -0.89 0.02 -9.06
CA LYS A 32 -0.67 -1.38 -8.86
C LYS A 32 0.31 -1.86 -9.85
N LYS A 33 0.11 -1.41 -11.08
CA LYS A 33 0.95 -1.76 -12.18
C LYS A 33 2.38 -1.27 -11.88
N THR A 34 2.50 -0.02 -11.36
CA THR A 34 3.77 0.56 -11.07
C THR A 34 4.47 -0.24 -10.01
N CYS A 35 3.73 -0.64 -9.01
CA CYS A 35 4.32 -1.51 -8.03
C CYS A 35 4.78 -2.86 -8.55
N PHE A 36 3.99 -3.48 -9.40
CA PHE A 36 4.36 -4.77 -9.95
C PHE A 36 5.61 -4.65 -10.79
N LYS A 37 5.72 -3.53 -11.50
CA LYS A 37 6.84 -3.34 -12.37
C LYS A 37 8.25 -3.32 -11.74
N THR A 38 8.59 -2.51 -10.64
CA THR A 38 10.03 -2.59 -10.30
C THR A 38 10.40 -3.97 -9.58
N GLU A 39 11.41 -4.04 -8.68
CA GLU A 39 11.46 -4.96 -7.53
C GLU A 39 10.72 -4.48 -6.35
N TYR A 40 11.20 -3.29 -6.04
CA TYR A 40 11.04 -2.56 -4.82
C TYR A 40 9.68 -2.16 -4.52
N CYS A 41 8.92 -1.93 -5.54
CA CYS A 41 7.63 -1.35 -5.35
C CYS A 41 6.66 -2.41 -4.80
N TYR A 42 6.71 -2.60 -3.50
CA TYR A 42 5.88 -3.56 -2.81
C TYR A 42 5.27 -2.98 -1.54
N ILE A 43 5.60 -1.73 -1.21
CA ILE A 43 5.00 -1.11 -0.03
C ILE A 43 4.20 0.02 -0.56
N VAL A 44 3.00 0.18 -0.13
CA VAL A 44 2.20 1.24 -0.67
C VAL A 44 1.47 1.92 0.47
N PHE A 45 1.24 3.22 0.37
CA PHE A 45 0.43 3.89 1.33
C PHE A 45 -0.59 4.66 0.57
N GLU A 46 -1.82 4.50 0.94
CA GLU A 46 -2.86 5.16 0.18
C GLU A 46 -3.76 5.94 1.09
N ASP A 47 -4.03 7.15 0.70
CA ASP A 47 -4.71 8.11 1.55
C ASP A 47 -6.18 8.07 1.25
N THR A 48 -6.96 7.80 2.26
CA THR A 48 -8.39 7.68 2.10
C THR A 48 -9.07 9.06 2.11
N VAL A 49 -8.41 10.03 2.72
CA VAL A 49 -9.00 11.35 2.89
C VAL A 49 -8.86 12.15 1.60
N ASN A 50 -7.70 12.08 1.06
CA ASN A 50 -7.33 12.79 -0.16
C ASN A 50 -7.58 11.91 -1.36
N LYS A 51 -7.79 10.62 -1.10
CA LYS A 51 -7.98 9.59 -2.15
C LYS A 51 -6.74 9.49 -3.02
N GLU A 52 -5.60 9.70 -2.41
CA GLU A 52 -4.36 9.72 -3.15
C GLU A 52 -3.56 8.45 -2.96
N CYS A 53 -2.63 8.22 -3.85
CA CYS A 53 -1.92 6.98 -3.89
C CYS A 53 -0.46 7.25 -3.87
N TYR A 54 0.23 6.75 -2.88
CA TYR A 54 1.65 6.87 -2.80
C TYR A 54 2.21 5.49 -2.77
N TYR A 55 3.09 5.22 -3.63
CA TYR A 55 3.65 3.91 -3.69
C TYR A 55 5.14 3.93 -3.43
N ASN A 56 5.58 3.04 -2.55
CA ASN A 56 7.01 2.94 -2.19
C ASN A 56 7.78 2.36 -3.30
N VAL A 57 8.73 3.13 -3.78
CA VAL A 57 9.45 2.73 -4.97
C VAL A 57 10.85 2.27 -4.68
N VAL A 58 11.27 2.38 -3.45
CA VAL A 58 12.62 1.97 -3.09
C VAL A 58 12.53 0.72 -2.20
N ASP A 59 13.65 0.23 -1.80
CA ASP A 59 13.77 -0.96 -0.99
C ASP A 59 13.18 -0.67 0.36
N GLY A 60 12.10 -1.31 0.61
CA GLY A 60 11.37 -1.07 1.78
C GLY A 60 10.70 -2.29 2.31
N GLU A 61 11.26 -3.46 2.06
CA GLU A 61 10.75 -4.68 2.71
C GLU A 61 11.09 -4.55 4.18
N GLU A 62 12.11 -3.75 4.40
CA GLU A 62 12.59 -3.36 5.67
C GLU A 62 11.61 -2.37 6.32
N LEU A 63 10.55 -1.94 5.59
CA LEU A 63 9.59 -1.07 6.25
C LEU A 63 8.67 -1.96 7.07
N ASP A 64 8.92 -1.95 8.35
CA ASP A 64 8.17 -2.72 9.29
C ASP A 64 7.09 -1.88 9.93
N GLN A 65 5.93 -2.45 9.98
CA GLN A 65 4.67 -1.84 10.43
C GLN A 65 4.74 -1.41 11.86
N GLU A 66 5.49 -2.16 12.60
CA GLU A 66 5.51 -2.05 14.01
C GLU A 66 6.55 -1.04 14.48
N LYS A 67 7.48 -0.71 13.62
CA LYS A 67 8.44 0.36 13.94
C LYS A 67 7.93 1.66 13.34
N PHE A 68 6.89 1.50 12.59
CA PHE A 68 6.12 2.55 12.03
C PHE A 68 5.16 3.09 13.09
N VAL A 69 4.84 4.34 12.99
CA VAL A 69 4.01 5.02 13.97
C VAL A 69 2.73 5.41 13.24
N VAL A 70 1.70 5.77 13.91
CA VAL A 70 0.44 5.92 13.27
C VAL A 70 0.16 7.20 12.50
N ASP A 71 0.00 6.99 11.23
CA ASP A 71 -0.44 7.96 10.26
C ASP A 71 -1.80 7.52 9.78
N GLU A 72 -2.81 8.21 10.26
CA GLU A 72 -4.20 7.81 10.11
C GLU A 72 -4.79 8.14 8.77
N ASN A 73 -4.31 9.19 8.14
CA ASN A 73 -4.85 9.61 6.83
C ASN A 73 -4.57 8.59 5.72
N PHE A 74 -3.50 7.84 5.85
CA PHE A 74 -3.17 6.83 4.88
C PHE A 74 -3.40 5.47 5.46
N THR A 75 -3.30 4.50 4.62
CA THR A 75 -3.42 3.15 4.99
C THR A 75 -2.12 2.46 4.66
N GLU A 76 -1.58 1.65 5.59
CA GLU A 76 -0.36 0.98 5.30
C GLU A 76 -0.65 -0.40 4.82
N ASN A 77 -0.26 -0.67 3.63
CA ASN A 77 -0.58 -1.92 3.05
C ASN A 77 0.57 -2.36 2.18
N TYR A 78 1.08 -3.54 2.45
CA TYR A 78 2.27 -3.99 1.75
C TYR A 78 2.03 -5.35 1.09
N LEU A 79 2.64 -5.54 -0.06
CA LEU A 79 2.47 -6.78 -0.79
C LEU A 79 3.48 -7.82 -0.35
N THR A 80 3.01 -8.71 0.44
CA THR A 80 3.80 -9.78 0.95
C THR A 80 3.11 -11.10 0.66
N ASP A 81 3.84 -12.04 0.02
CA ASP A 81 3.46 -13.50 -0.19
C ASP A 81 2.09 -13.82 -0.86
N CYS A 82 1.15 -12.92 -0.84
CA CYS A 82 -0.18 -13.15 -1.39
C CYS A 82 -0.17 -13.02 -2.92
N GLU A 83 1.01 -12.68 -3.46
CA GLU A 83 1.27 -12.44 -4.89
C GLU A 83 0.56 -13.45 -5.79
N GLY A 84 -0.30 -12.95 -6.63
CA GLY A 84 -1.05 -13.78 -7.51
C GLY A 84 -2.53 -13.56 -7.33
N LYS A 85 -2.91 -12.31 -7.11
CA LYS A 85 -4.30 -11.95 -6.90
C LYS A 85 -5.04 -12.03 -8.23
N ASP A 86 -6.05 -12.83 -8.27
CA ASP A 86 -6.89 -12.95 -9.44
C ASP A 86 -8.22 -13.50 -8.97
N ALA A 87 -9.23 -13.57 -9.86
CA ALA A 87 -10.60 -14.01 -9.54
C ALA A 87 -11.29 -12.97 -8.66
N GLY A 88 -10.74 -11.79 -8.66
CA GLY A 88 -11.22 -10.73 -7.87
C GLY A 88 -10.56 -9.47 -8.30
N ASN A 89 -11.10 -8.35 -7.91
CA ASN A 89 -10.58 -7.07 -8.31
C ASN A 89 -11.21 -5.96 -7.49
N ALA A 90 -10.81 -4.73 -7.80
CA ALA A 90 -11.36 -3.48 -7.23
C ALA A 90 -10.97 -3.27 -5.77
N ALA A 91 -9.84 -3.82 -5.36
CA ALA A 91 -9.41 -3.62 -3.98
C ALA A 91 -7.91 -3.53 -3.84
N GLY A 92 -7.44 -2.40 -3.36
CA GLY A 92 -6.04 -2.23 -3.12
C GLY A 92 -5.72 -0.98 -2.33
N THR A 93 -6.15 -0.97 -1.08
CA THR A 93 -5.89 0.08 -0.09
C THR A 93 -6.16 -0.57 1.24
N GLY A 94 -5.87 0.10 2.36
CA GLY A 94 -6.27 -0.49 3.61
C GLY A 94 -7.66 -0.09 4.01
N ASP A 95 -8.39 0.48 3.08
CA ASP A 95 -9.77 0.79 3.32
C ASP A 95 -10.60 -0.22 2.58
N GLU A 96 -10.16 -0.55 1.36
CA GLU A 96 -10.78 -1.61 0.59
C GLU A 96 -10.26 -2.94 1.08
N SER A 97 -10.73 -3.33 2.21
CA SER A 97 -10.40 -4.55 2.87
C SER A 97 -11.65 -4.96 3.64
N ASP A 98 -12.78 -4.49 3.14
CA ASP A 98 -14.05 -4.63 3.79
C ASP A 98 -14.60 -6.03 3.59
N GLU A 99 -15.45 -6.47 4.51
CA GLU A 99 -16.05 -7.78 4.45
C GLU A 99 -17.15 -7.84 3.38
N VAL A 100 -16.71 -7.76 2.15
CA VAL A 100 -17.56 -7.86 0.99
C VAL A 100 -16.96 -8.86 0.00
N ASP A 101 -15.99 -8.46 -0.78
CA ASP A 101 -15.33 -9.37 -1.70
C ASP A 101 -13.88 -9.52 -1.33
N GLU A 102 -13.52 -8.93 -0.21
CA GLU A 102 -12.17 -9.07 0.33
C GLU A 102 -12.15 -10.04 1.48
N ASP A 103 -13.31 -10.27 2.04
CA ASP A 103 -13.46 -11.20 3.11
C ASP A 103 -14.86 -11.75 3.01
#